data_6TOV
# 
_entry.id   6TOV 
# 
_audit_conform.dict_name       mmcif_pdbx.dic 
_audit_conform.dict_version    5.353 
_audit_conform.dict_location   http://mmcif.pdb.org/dictionaries/ascii/mmcif_pdbx.dic 
# 
loop_
_database_2.database_id 
_database_2.database_code 
_database_2.pdbx_database_accession 
_database_2.pdbx_DOI 
PDB   6TOV         pdb_00006tov 10.2210/pdb6tov/pdb 
WWPDB D_1292105405 ?            ?                   
# 
loop_
_pdbx_database_related.db_name 
_pdbx_database_related.details 
_pdbx_database_related.db_id 
_pdbx_database_related.content_type 
PDB . 1AA5 unspecified 
PDB . 1GHG unspecified 
# 
_pdbx_database_status.status_code                     REL 
_pdbx_database_status.status_code_sf                  REL 
_pdbx_database_status.status_code_mr                  ? 
_pdbx_database_status.entry_id                        6TOV 
_pdbx_database_status.recvd_initial_deposition_date   2019-12-12 
_pdbx_database_status.SG_entry                        N 
_pdbx_database_status.deposit_site                    PDBE 
_pdbx_database_status.process_site                    PDBE 
_pdbx_database_status.status_code_cs                  ? 
_pdbx_database_status.status_code_nmr_data            ? 
_pdbx_database_status.methods_development_category    ? 
_pdbx_database_status.pdb_format_compatible           Y 
# 
loop_
_audit_author.name 
_audit_author.pdbx_ordinal 
_audit_author.identifier_ORCID 
'Belviso, B.D.'  1 0000-0003-2880-1064 
'Carrozzini, B.' 2 0000-0001-9052-0074 
'Caliandro, R.'  3 0000-0002-0368-4925 
'Altomare, C.D.' 4 0000-0001-5016-5805 
'Bolognino, I.'  5 0000-0002-5891-7140 
'Cellamare, S.'  6 0000-0003-3765-7842 
# 
_citation.abstract                  ? 
_citation.abstract_id_CAS           ? 
_citation.book_id_ISBN              ? 
_citation.book_publisher            ? 
_citation.book_publisher_city       ? 
_citation.book_title                ? 
_citation.coordinate_linkage        ? 
_citation.country                   ? 
_citation.database_id_Medline       ? 
_citation.details                   ? 
_citation.id                        primary 
_citation.journal_abbrev            Separations 
_citation.journal_id_ASTM           ? 
_citation.journal_id_CSD            ? 
_citation.journal_id_ISSN           ? 
_citation.journal_full              ? 
_citation.journal_issue             ? 
_citation.journal_volume            ? 
_citation.language                  ? 
_citation.page_first                ? 
_citation.page_last                 ? 
_citation.title                     
;Enantiomeric Separation and Molecular Modelling of Bioactive 4-Aryl-3,4-dihydropyrimidin-2(1H)-one Ester Derivatives on Teicoplanin-Based Chiral Stationary Phase
;
_citation.year                      2022 
_citation.database_id_CSD           ? 
_citation.pdbx_database_id_DOI      10.3390/separations9010007 
_citation.pdbx_database_id_PubMed   ? 
_citation.unpublished_flag          ? 
# 
loop_
_citation_author.citation_id 
_citation_author.name 
_citation_author.ordinal 
_citation_author.identifier_ORCID 
primary 'Bolognino, I.'  1  0000-0002-5891-7140 
primary 'Carrieri, A.'   2  ?                   
primary 'Purgatorio, R.' 3  ?                   
primary 'Catto, M.'      4  ?                   
primary 'Caliandro, R.'  5  0000-0002-0368-4925 
primary 'Carrozzini, B.' 6  0000-0001-9052-0074 
primary 'Belviso, B.D.'  7  0000-0003-2880-1064 
primary 'Majellaro, M.'  8  ?                   
primary 'Sotelo, E.'     9  ?                   
primary 'Cellamare, S.'  10 0000-0003-3765-7842 
primary 'Altomare, C.D.' 11 0000-0001-5016-5805 
# 
_cell.angle_alpha                  90.000 
_cell.angle_alpha_esd              ? 
_cell.angle_beta                   123.340 
_cell.angle_beta_esd               ? 
_cell.angle_gamma                  90.000 
_cell.angle_gamma_esd              ? 
_cell.entry_id                     6TOV 
_cell.details                      ? 
_cell.formula_units_Z              ? 
_cell.length_a                     35.722 
_cell.length_a_esd                 ? 
_cell.length_b                     13.113 
_cell.length_b_esd                 ? 
_cell.length_c                     21.717 
_cell.length_c_esd                 ? 
_cell.volume                       ? 
_cell.volume_esd                   ? 
_cell.Z_PDB                        4 
_cell.reciprocal_angle_alpha       ? 
_cell.reciprocal_angle_beta        ? 
_cell.reciprocal_angle_gamma       ? 
_cell.reciprocal_angle_alpha_esd   ? 
_cell.reciprocal_angle_beta_esd    ? 
_cell.reciprocal_angle_gamma_esd   ? 
_cell.reciprocal_length_a          ? 
_cell.reciprocal_length_b          ? 
_cell.reciprocal_length_c          ? 
_cell.reciprocal_length_a_esd      ? 
_cell.reciprocal_length_b_esd      ? 
_cell.reciprocal_length_c_esd      ? 
_cell.pdbx_unique_axis             ? 
# 
_symmetry.entry_id                         6TOV 
_symmetry.cell_setting                     ? 
_symmetry.Int_Tables_number                5 
_symmetry.space_group_name_Hall            ? 
_symmetry.space_group_name_H-M             'C 1 2 1' 
_symmetry.pdbx_full_space_group_name_H-M   ? 
# 
loop_
_entity.id 
_entity.type 
_entity.src_method 
_entity.pdbx_description 
_entity.formula_weight 
_entity.pdbx_number_of_molecules 
_entity.pdbx_ec 
_entity.pdbx_mutation 
_entity.pdbx_fragment 
_entity.details 
1 polymer     syn 'Teicoplanin Aglycone' 1206.984 1  ? ? ? ? 
2 non-polymer syn 'DIMETHYL SULFOXIDE'   78.133   5  ? ? ? ? 
3 water       nat water                  18.015   16 ? ? ? ? 
# 
_entity_poly.entity_id                      1 
_entity_poly.type                           'polypeptide(L)' 
_entity_poly.nstd_linkage                   no 
_entity_poly.nstd_monomer                   yes 
_entity_poly.pdbx_seq_one_letter_code       '(GHP)(3MY)(3FG)(GHP)(GHP)(OMY)(3FG)' 
_entity_poly.pdbx_seq_one_letter_code_can   GYXGGYX 
_entity_poly.pdbx_strand_id                 A 
_entity_poly.pdbx_target_identifier         ? 
# 
loop_
_entity_poly_seq.entity_id 
_entity_poly_seq.num 
_entity_poly_seq.mon_id 
_entity_poly_seq.hetero 
1 1 GHP n 
1 2 3MY n 
1 3 3FG n 
1 4 GHP n 
1 5 GHP n 
1 6 OMY n 
1 7 3FG n 
# 
_pdbx_entity_src_syn.entity_id              1 
_pdbx_entity_src_syn.pdbx_src_id            1 
_pdbx_entity_src_syn.pdbx_alt_source_flag   sample 
_pdbx_entity_src_syn.pdbx_beg_seq_num       1 
_pdbx_entity_src_syn.pdbx_end_seq_num       7 
_pdbx_entity_src_syn.organism_scientific    'synthetic construct' 
_pdbx_entity_src_syn.organism_common_name   ? 
_pdbx_entity_src_syn.ncbi_taxonomy_id       32630 
_pdbx_entity_src_syn.details                'The peptide is synthetically generated by starting from teicoplanine' 
# 
_struct_ref.id                         1 
_struct_ref.db_name                    PDB 
_struct_ref.db_code                    6TOV 
_struct_ref.pdbx_db_accession          6TOV 
_struct_ref.pdbx_db_isoform            ? 
_struct_ref.entity_id                  1 
_struct_ref.pdbx_seq_one_letter_code   ? 
_struct_ref.pdbx_align_begin           1 
# 
_struct_ref_seq.align_id                      1 
_struct_ref_seq.ref_id                        1 
_struct_ref_seq.pdbx_PDB_id_code              6TOV 
_struct_ref_seq.pdbx_strand_id                A 
_struct_ref_seq.seq_align_beg                 1 
_struct_ref_seq.pdbx_seq_align_beg_ins_code   ? 
_struct_ref_seq.seq_align_end                 7 
_struct_ref_seq.pdbx_seq_align_end_ins_code   ? 
_struct_ref_seq.pdbx_db_accession             6TOV 
_struct_ref_seq.db_align_beg                  1 
_struct_ref_seq.pdbx_db_align_beg_ins_code    ? 
_struct_ref_seq.db_align_end                  7 
_struct_ref_seq.pdbx_db_align_end_ins_code    ? 
_struct_ref_seq.pdbx_auth_seq_align_beg       1 
_struct_ref_seq.pdbx_auth_seq_align_end       7 
# 
loop_
_chem_comp.id 
_chem_comp.type 
_chem_comp.mon_nstd_flag 
_chem_comp.name 
_chem_comp.pdbx_synonyms 
_chem_comp.formula 
_chem_comp.formula_weight 
3FG 'L-peptide linking' . '(2S)-amino(3,5-dihydroxyphenyl)ethanoic acid' ? 'C8 H9 N O4'     183.161 
3MY 'D-peptide linking' n 3-chloro-D-tyrosine                            ? 'C9 H10 Cl N O3' 215.634 
DMS non-polymer         . 'DIMETHYL SULFOXIDE'                           ? 'C2 H6 O S'      78.133  
GHP 'D-peptide linking' . '(2R)-amino(4-hydroxyphenyl)ethanoic acid'     ? 'C8 H9 N O3'     167.162 
HOH non-polymer         . WATER                                          ? 'H2 O'           18.015  
OMY 'L-peptide linking' n '(betaR)-3-chloro-beta-hydroxy-L-tyrosine'     ? 'C9 H10 Cl N O4' 231.633 
# 
_exptl.absorpt_coefficient_mu     ? 
_exptl.absorpt_correction_T_max   ? 
_exptl.absorpt_correction_T_min   ? 
_exptl.absorpt_correction_type    ? 
_exptl.absorpt_process_details    ? 
_exptl.entry_id                   6TOV 
_exptl.crystals_number            1 
_exptl.details                    ? 
_exptl.method                     'X-RAY DIFFRACTION' 
_exptl.method_details             ? 
# 
_exptl_crystal.colour                      ? 
_exptl_crystal.density_diffrn              ? 
_exptl_crystal.density_Matthews            1.76 
_exptl_crystal.density_method              ? 
_exptl_crystal.density_percent_sol         30.12 
_exptl_crystal.description                 ? 
_exptl_crystal.F_000                       ? 
_exptl_crystal.id                          1 
_exptl_crystal.preparation                 ? 
_exptl_crystal.size_max                    ? 
_exptl_crystal.size_mid                    ? 
_exptl_crystal.size_min                    ? 
_exptl_crystal.size_rad                    ? 
_exptl_crystal.colour_lustre               ? 
_exptl_crystal.colour_modifier             ? 
_exptl_crystal.colour_primary              ? 
_exptl_crystal.density_meas                ? 
_exptl_crystal.density_meas_esd            ? 
_exptl_crystal.density_meas_gt             ? 
_exptl_crystal.density_meas_lt             ? 
_exptl_crystal.density_meas_temp           ? 
_exptl_crystal.density_meas_temp_esd       ? 
_exptl_crystal.density_meas_temp_gt        ? 
_exptl_crystal.density_meas_temp_lt        ? 
_exptl_crystal.pdbx_crystal_image_url      ? 
_exptl_crystal.pdbx_crystal_image_format   ? 
_exptl_crystal.pdbx_mosaicity              ? 
_exptl_crystal.pdbx_mosaicity_esd          ? 
# 
_exptl_crystal_grow.apparatus       ? 
_exptl_crystal_grow.atmosphere      ? 
_exptl_crystal_grow.crystal_id      1 
_exptl_crystal_grow.details         ? 
_exptl_crystal_grow.method          'VAPOR DIFFUSION, SITTING DROP' 
_exptl_crystal_grow.method_ref      ? 
_exptl_crystal_grow.pH              6.9 
_exptl_crystal_grow.pressure        ? 
_exptl_crystal_grow.pressure_esd    ? 
_exptl_crystal_grow.seeding         ? 
_exptl_crystal_grow.seeding_ref     ? 
_exptl_crystal_grow.temp            293 
_exptl_crystal_grow.temp_details    ? 
_exptl_crystal_grow.temp_esd        ? 
_exptl_crystal_grow.time            ? 
_exptl_crystal_grow.pdbx_details    
;teicoplanine=10mg/ml
sodium acetate 1.2M, 
sodium cacodylate 100mM
;
_exptl_crystal_grow.pdbx_pH_range   ? 
# 
_diffrn.ambient_environment              ? 
_diffrn.ambient_temp                     100 
_diffrn.ambient_temp_details             ? 
_diffrn.ambient_temp_esd                 ? 
_diffrn.crystal_id                       1 
_diffrn.crystal_support                  ? 
_diffrn.crystal_treatment                ? 
_diffrn.details                          ? 
_diffrn.id                               1 
_diffrn.ambient_pressure                 ? 
_diffrn.ambient_pressure_esd             ? 
_diffrn.ambient_pressure_gt              ? 
_diffrn.ambient_pressure_lt              ? 
_diffrn.ambient_temp_gt                  ? 
_diffrn.ambient_temp_lt                  ? 
_diffrn.pdbx_serial_crystal_experiment   N 
# 
_diffrn_detector.details                      ? 
_diffrn_detector.detector                     PIXEL 
_diffrn_detector.diffrn_id                    1 
_diffrn_detector.type                         'DECTRIS PILATUS3 S 6M' 
_diffrn_detector.area_resol_mean              ? 
_diffrn_detector.dtime                        ? 
_diffrn_detector.pdbx_frames_total            ? 
_diffrn_detector.pdbx_collection_time_total   ? 
_diffrn_detector.pdbx_collection_date         2019-07-13 
_diffrn_detector.pdbx_frequency               ? 
# 
_diffrn_radiation.collimation                      ? 
_diffrn_radiation.diffrn_id                        1 
_diffrn_radiation.filter_edge                      ? 
_diffrn_radiation.inhomogeneity                    ? 
_diffrn_radiation.monochromator                    ? 
_diffrn_radiation.polarisn_norm                    ? 
_diffrn_radiation.polarisn_ratio                   ? 
_diffrn_radiation.probe                            ? 
_diffrn_radiation.type                             ? 
_diffrn_radiation.xray_symbol                      ? 
_diffrn_radiation.wavelength_id                    1 
_diffrn_radiation.pdbx_monochromatic_or_laue_m_l   M 
_diffrn_radiation.pdbx_wavelength_list             ? 
_diffrn_radiation.pdbx_wavelength                  ? 
_diffrn_radiation.pdbx_diffrn_protocol             'SINGLE WAVELENGTH' 
_diffrn_radiation.pdbx_analyzer                    ? 
_diffrn_radiation.pdbx_scattering_type             x-ray 
# 
_diffrn_radiation_wavelength.id           1 
_diffrn_radiation_wavelength.wavelength   0.7293 
_diffrn_radiation_wavelength.wt           1.0 
# 
_diffrn_source.current                     ? 
_diffrn_source.details                     ? 
_diffrn_source.diffrn_id                   1 
_diffrn_source.power                       ? 
_diffrn_source.size                        ? 
_diffrn_source.source                      SYNCHROTRON 
_diffrn_source.target                      ? 
_diffrn_source.type                        'DIAMOND BEAMLINE I03' 
_diffrn_source.voltage                     ? 
_diffrn_source.take-off_angle              ? 
_diffrn_source.pdbx_wavelength_list        0.7293 
_diffrn_source.pdbx_wavelength             ? 
_diffrn_source.pdbx_synchrotron_beamline   I03 
_diffrn_source.pdbx_synchrotron_site       Diamond 
# 
_reflns.B_iso_Wilson_estimate            ? 
_reflns.entry_id                         6TOV 
_reflns.data_reduction_details           ? 
_reflns.data_reduction_method            ? 
_reflns.d_resolution_high                0.7670 
_reflns.d_resolution_low                 18.143 
_reflns.details                          ? 
_reflns.limit_h_max                      ? 
_reflns.limit_h_min                      ? 
_reflns.limit_k_max                      ? 
_reflns.limit_k_min                      ? 
_reflns.limit_l_max                      ? 
_reflns.limit_l_min                      ? 
_reflns.number_all                       ? 
_reflns.number_obs                       9030 
_reflns.observed_criterion               ? 
_reflns.observed_criterion_F_max         ? 
_reflns.observed_criterion_F_min         ? 
_reflns.observed_criterion_I_max         ? 
_reflns.observed_criterion_I_min         ? 
_reflns.observed_criterion_sigma_F       ? 
_reflns.observed_criterion_sigma_I       ? 
_reflns.percent_possible_obs             88.000 
_reflns.R_free_details                   ? 
_reflns.Rmerge_F_all                     ? 
_reflns.Rmerge_F_obs                     ? 
_reflns.Friedel_coverage                 ? 
_reflns.number_gt                        ? 
_reflns.threshold_expression             ? 
_reflns.pdbx_redundancy                  14.900 
_reflns.pdbx_Rmerge_I_obs                0.133 
_reflns.pdbx_Rmerge_I_all                ? 
_reflns.pdbx_Rsym_value                  ? 
_reflns.pdbx_netI_over_av_sigmaI         ? 
_reflns.pdbx_netI_over_sigmaI            12.800 
_reflns.pdbx_res_netI_over_av_sigmaI_2   ? 
_reflns.pdbx_res_netI_over_sigmaI_2      ? 
_reflns.pdbx_chi_squared                 ? 
_reflns.pdbx_scaling_rejects             ? 
_reflns.pdbx_d_res_high_opt              ? 
_reflns.pdbx_d_res_low_opt               ? 
_reflns.pdbx_d_res_opt_method            ? 
_reflns.phase_calculation_details        ? 
_reflns.pdbx_Rrim_I_all                  0.137 
_reflns.pdbx_Rpim_I_all                  0.034 
_reflns.pdbx_d_opt                       ? 
_reflns.pdbx_number_measured_all         ? 
_reflns.pdbx_diffrn_id                   1 
_reflns.pdbx_ordinal                     1 
_reflns.pdbx_CC_half                     0.998 
_reflns.pdbx_CC_star                     ? 
_reflns.pdbx_R_split                     ? 
# 
loop_
_reflns_shell.d_res_high 
_reflns_shell.d_res_low 
_reflns_shell.meanI_over_sigI_all 
_reflns_shell.meanI_over_sigI_obs 
_reflns_shell.number_measured_all 
_reflns_shell.number_measured_obs 
_reflns_shell.number_possible 
_reflns_shell.number_unique_all 
_reflns_shell.number_unique_obs 
_reflns_shell.percent_possible_all 
_reflns_shell.percent_possible_obs 
_reflns_shell.Rmerge_F_all 
_reflns_shell.Rmerge_F_obs 
_reflns_shell.Rmerge_I_all 
_reflns_shell.Rmerge_I_obs 
_reflns_shell.meanI_over_sigI_gt 
_reflns_shell.meanI_over_uI_all 
_reflns_shell.meanI_over_uI_gt 
_reflns_shell.number_measured_gt 
_reflns_shell.number_unique_gt 
_reflns_shell.percent_possible_gt 
_reflns_shell.Rmerge_F_gt 
_reflns_shell.Rmerge_I_gt 
_reflns_shell.pdbx_redundancy 
_reflns_shell.pdbx_Rsym_value 
_reflns_shell.pdbx_chi_squared 
_reflns_shell.pdbx_netI_over_sigmaI_all 
_reflns_shell.pdbx_netI_over_sigmaI_obs 
_reflns_shell.pdbx_Rrim_I_all 
_reflns_shell.pdbx_Rpim_I_all 
_reflns_shell.pdbx_rejects 
_reflns_shell.pdbx_ordinal 
_reflns_shell.pdbx_diffrn_id 
_reflns_shell.pdbx_CC_half 
_reflns_shell.pdbx_CC_star 
_reflns_shell.pdbx_R_split 
0.770 0.790  ? ? 1587 ? ? ? 209 28.900 ? ? ? ? 0.677 ? ? ? ? ? ? ? ? 7.600  ? ? ? 2.400  0.726 0.256 ? 1 1 0.797 ? ? 
3.430 18.140 ? ? 2014 ? ? ? 133 99.500 ? ? ? ? 0.082 ? ? ? ? ? ? ? ? 15.100 ? ? ? 35.900 0.084 0.021 ? 2 1 0.997 ? ? 
# 
_refine.aniso_B[1][1]                            0.0400 
_refine.aniso_B[1][2]                            0.0000 
_refine.aniso_B[1][3]                            0.0300 
_refine.aniso_B[2][2]                            -0.1300 
_refine.aniso_B[2][3]                            0.0000 
_refine.aniso_B[3][3]                            0.0200 
_refine.B_iso_max                                27.310 
_refine.B_iso_mean                               3.8200 
_refine.B_iso_min                                2.400 
_refine.correlation_coeff_Fo_to_Fc               0.9890 
_refine.correlation_coeff_Fo_to_Fc_free          0.9860 
_refine.details                                  
'HYDROGENS HAVE BEEN ADDED IN THE RIDING POSITIONS U VALUES      : REFINED INDIVIDUALLY' 
_refine.diff_density_max                         ? 
_refine.diff_density_max_esd                     ? 
_refine.diff_density_min                         ? 
_refine.diff_density_min_esd                     ? 
_refine.diff_density_rms                         ? 
_refine.diff_density_rms_esd                     ? 
_refine.entry_id                                 6TOV 
_refine.pdbx_refine_id                           'X-RAY DIFFRACTION' 
_refine.ls_abs_structure_details                 ? 
_refine.ls_abs_structure_Flack                   ? 
_refine.ls_abs_structure_Flack_esd               ? 
_refine.ls_abs_structure_Rogers                  ? 
_refine.ls_abs_structure_Rogers_esd              ? 
_refine.ls_d_res_high                            0.767 
_refine.ls_d_res_low                             18.143 
_refine.ls_extinction_coef                       ? 
_refine.ls_extinction_coef_esd                   ? 
_refine.ls_extinction_expression                 ? 
_refine.ls_extinction_method                     ? 
_refine.ls_goodness_of_fit_all                   ? 
_refine.ls_goodness_of_fit_all_esd               ? 
_refine.ls_goodness_of_fit_obs                   ? 
_refine.ls_goodness_of_fit_obs_esd               ? 
_refine.ls_hydrogen_treatment                    ? 
_refine.ls_matrix_type                           ? 
_refine.ls_number_constraints                    ? 
_refine.ls_number_parameters                     ? 
_refine.ls_number_reflns_all                     ? 
_refine.ls_number_reflns_obs                     8642 
_refine.ls_number_reflns_R_free                  388 
_refine.ls_number_reflns_R_work                  ? 
_refine.ls_number_restraints                     ? 
_refine.ls_percent_reflns_obs                    87.7800 
_refine.ls_percent_reflns_R_free                 4.3000 
_refine.ls_R_factor_all                          ? 
_refine.ls_R_factor_obs                          0.0972 
_refine.ls_R_factor_R_free                       0.1143 
_refine.ls_R_factor_R_free_error                 ? 
_refine.ls_R_factor_R_free_error_details         ? 
_refine.ls_R_factor_R_work                       0.0966 
_refine.ls_R_Fsqd_factor_obs                     ? 
_refine.ls_R_I_factor_obs                        ? 
_refine.ls_redundancy_reflns_all                 ? 
_refine.ls_redundancy_reflns_obs                 ? 
_refine.ls_restrained_S_all                      ? 
_refine.ls_restrained_S_obs                      ? 
_refine.ls_shift_over_esd_max                    ? 
_refine.ls_shift_over_esd_mean                   ? 
_refine.ls_structure_factor_coef                 ? 
_refine.ls_weighting_details                     ? 
_refine.ls_weighting_scheme                      ? 
_refine.ls_wR_factor_all                         ? 
_refine.ls_wR_factor_obs                         ? 
_refine.ls_wR_factor_R_free                      ? 
_refine.ls_wR_factor_R_work                      ? 
_refine.occupancy_max                            ? 
_refine.occupancy_min                            ? 
_refine.solvent_model_details                    ? 
_refine.solvent_model_param_bsol                 ? 
_refine.solvent_model_param_ksol                 ? 
_refine.pdbx_R_complete                          ? 
_refine.ls_R_factor_gt                           ? 
_refine.ls_goodness_of_fit_gt                    ? 
_refine.ls_goodness_of_fit_ref                   ? 
_refine.ls_shift_over_su_max                     ? 
_refine.ls_shift_over_su_max_lt                  ? 
_refine.ls_shift_over_su_mean                    ? 
_refine.ls_shift_over_su_mean_lt                 ? 
_refine.pdbx_ls_sigma_I                          ? 
_refine.pdbx_ls_sigma_F                          0.000 
_refine.pdbx_ls_sigma_Fsqd                       ? 
_refine.pdbx_data_cutoff_high_absF               ? 
_refine.pdbx_data_cutoff_high_rms_absF           ? 
_refine.pdbx_data_cutoff_low_absF                ? 
_refine.pdbx_isotropic_thermal_model             ? 
_refine.pdbx_ls_cross_valid_method               THROUGHOUT 
_refine.pdbx_method_to_determine_struct          'AB INITIO PHASING' 
_refine.pdbx_starting_model                      ? 
_refine.pdbx_stereochemistry_target_values       ? 
_refine.pdbx_R_Free_selection_details            RANDOM 
_refine.pdbx_stereochem_target_val_spec_case     ? 
_refine.pdbx_overall_ESU_R                       0.0100 
_refine.pdbx_overall_ESU_R_Free                  0.0110 
_refine.pdbx_solvent_vdw_probe_radii             1.2000 
_refine.pdbx_solvent_ion_probe_radii             0.8000 
_refine.pdbx_solvent_shrinkage_radii             0.8000 
_refine.pdbx_real_space_R                        ? 
_refine.pdbx_density_correlation                 ? 
_refine.pdbx_pd_number_of_powder_patterns        ? 
_refine.pdbx_pd_number_of_points                 ? 
_refine.pdbx_pd_meas_number_of_points            ? 
_refine.pdbx_pd_proc_ls_prof_R_factor            ? 
_refine.pdbx_pd_proc_ls_prof_wR_factor           ? 
_refine.pdbx_pd_Marquardt_correlation_coeff      ? 
_refine.pdbx_pd_Fsqrd_R_factor                   ? 
_refine.pdbx_pd_ls_matrix_band_width             ? 
_refine.pdbx_overall_phase_error                 ? 
_refine.pdbx_overall_SU_R_free_Cruickshank_DPI   ? 
_refine.pdbx_overall_SU_R_free_Blow_DPI          ? 
_refine.pdbx_overall_SU_R_Blow_DPI               ? 
_refine.pdbx_TLS_residual_ADP_flag               ? 
_refine.pdbx_diffrn_id                           1 
_refine.overall_SU_B                             0.2260 
_refine.overall_SU_ML                            0.0070 
_refine.overall_SU_R_Cruickshank_DPI             ? 
_refine.overall_SU_R_free                        ? 
_refine.overall_FOM_free_R_set                   ? 
_refine.overall_FOM_work_R_set                   ? 
_refine.pdbx_average_fsc_overall                 ? 
_refine.pdbx_average_fsc_work                    ? 
_refine.pdbx_average_fsc_free                    ? 
# 
_refine_hist.pdbx_refine_id                   'X-RAY DIFFRACTION' 
_refine_hist.cycle_id                         final 
_refine_hist.details                          ? 
_refine_hist.d_res_high                       0.767 
_refine_hist.d_res_low                        18.143 
_refine_hist.number_atoms_solvent             23 
_refine_hist.number_atoms_total               103 
_refine_hist.number_reflns_all                ? 
_refine_hist.number_reflns_obs                ? 
_refine_hist.number_reflns_R_free             ? 
_refine_hist.number_reflns_R_work             ? 
_refine_hist.R_factor_all                     ? 
_refine_hist.R_factor_obs                     ? 
_refine_hist.R_factor_R_free                  ? 
_refine_hist.R_factor_R_work                  ? 
_refine_hist.pdbx_number_residues_total       2 
_refine_hist.pdbx_B_iso_mean_ligand           3.86 
_refine_hist.pdbx_B_iso_mean_solvent          5.79 
_refine_hist.pdbx_number_atoms_protein        0 
_refine_hist.pdbx_number_atoms_nucleic_acid   0 
_refine_hist.pdbx_number_atoms_ligand         80 
_refine_hist.pdbx_number_atoms_lipid          ? 
_refine_hist.pdbx_number_atoms_carb           ? 
_refine_hist.pdbx_pseudo_atom_details         ? 
# 
loop_
_refine_ls_restr.pdbx_refine_id 
_refine_ls_restr.criterion 
_refine_ls_restr.dev_ideal 
_refine_ls_restr.dev_ideal_target 
_refine_ls_restr.number 
_refine_ls_restr.rejects 
_refine_ls_restr.type 
_refine_ls_restr.weight 
_refine_ls_restr.pdbx_restraint_function 
'X-RAY DIFFRACTION' ? 0.041 0.020 110 ? r_bond_refined_d       ? ? 
'X-RAY DIFFRACTION' ? 0.011 0.021 78  ? r_bond_other_d         ? ? 
'X-RAY DIFFRACTION' ? 2.153 2.594 130 ? r_angle_refined_deg    ? ? 
'X-RAY DIFFRACTION' ? 1.159 2.429 162 ? r_angle_other_deg      ? ? 
'X-RAY DIFFRACTION' ? 9.380 5.000 1   ? r_dihedral_angle_1_deg ? ? 
'X-RAY DIFFRACTION' ? 0.195 0.200 8   ? r_chiral_restr         ? ? 
'X-RAY DIFFRACTION' ? 0.048 0.022 83  ? r_gen_planes_refined   ? ? 
'X-RAY DIFFRACTION' ? 0.005 0.022 29  ? r_gen_planes_other     ? ? 
'X-RAY DIFFRACTION' ? 4.705 3.000 188 ? r_rigid_bond_restr     ? ? 
# 
_refine_ls_shell.pdbx_refine_id                   'X-RAY DIFFRACTION' 
_refine_ls_shell.d_res_high                       0.767 
_refine_ls_shell.d_res_low                        0.7870 
_refine_ls_shell.number_reflns_all                ? 
_refine_ls_shell.number_reflns_obs                ? 
_refine_ls_shell.number_reflns_R_free             14 
_refine_ls_shell.number_reflns_R_work             195 
_refine_ls_shell.percent_reflns_obs               28.4400 
_refine_ls_shell.percent_reflns_R_free            ? 
_refine_ls_shell.R_factor_all                     ? 
_refine_ls_shell.R_factor_obs                     ? 
_refine_ls_shell.R_factor_R_free                  0.2740 
_refine_ls_shell.R_factor_R_free_error            0.0000 
_refine_ls_shell.R_factor_R_work                  0.1880 
_refine_ls_shell.redundancy_reflns_all            ? 
_refine_ls_shell.redundancy_reflns_obs            ? 
_refine_ls_shell.wR_factor_all                    ? 
_refine_ls_shell.wR_factor_obs                    ? 
_refine_ls_shell.wR_factor_R_free                 ? 
_refine_ls_shell.wR_factor_R_work                 ? 
_refine_ls_shell.pdbx_R_complete                  ? 
_refine_ls_shell.pdbx_total_number_of_bins_used   ? 
_refine_ls_shell.pdbx_phase_error                 ? 
_refine_ls_shell.pdbx_fsc_work                    ? 
_refine_ls_shell.pdbx_fsc_free                    ? 
# 
_struct.entry_id                     6TOV 
_struct.title                        'Crystal Structure of Teicoplanin Aglycone' 
_struct.pdbx_model_details           ? 
_struct.pdbx_formula_weight          ? 
_struct.pdbx_formula_weight_method   ? 
_struct.pdbx_model_type_details      ? 
_struct.pdbx_CASP_flag               N 
# 
_struct_keywords.entry_id        6TOV 
_struct_keywords.text            'peptidoglycan polymerization inhibitor, ANTIBIOTIC' 
_struct_keywords.pdbx_keywords   ANTIBIOTIC 
# 
loop_
_struct_asym.id 
_struct_asym.pdbx_blank_PDB_chainid_flag 
_struct_asym.pdbx_modified 
_struct_asym.entity_id 
_struct_asym.details 
A N N 1 ? 
B N N 2 ? 
C N N 2 ? 
D N N 2 ? 
E N N 2 ? 
F N N 2 ? 
G N N 3 ? 
# 
loop_
_struct_conn.id 
_struct_conn.conn_type_id 
_struct_conn.pdbx_leaving_atom_flag 
_struct_conn.pdbx_PDB_id 
_struct_conn.ptnr1_label_asym_id 
_struct_conn.ptnr1_label_comp_id 
_struct_conn.ptnr1_label_seq_id 
_struct_conn.ptnr1_label_atom_id 
_struct_conn.pdbx_ptnr1_label_alt_id 
_struct_conn.pdbx_ptnr1_PDB_ins_code 
_struct_conn.pdbx_ptnr1_standard_comp_id 
_struct_conn.ptnr1_symmetry 
_struct_conn.ptnr2_label_asym_id 
_struct_conn.ptnr2_label_comp_id 
_struct_conn.ptnr2_label_seq_id 
_struct_conn.ptnr2_label_atom_id 
_struct_conn.pdbx_ptnr2_label_alt_id 
_struct_conn.pdbx_ptnr2_PDB_ins_code 
_struct_conn.ptnr1_auth_asym_id 
_struct_conn.ptnr1_auth_comp_id 
_struct_conn.ptnr1_auth_seq_id 
_struct_conn.ptnr2_auth_asym_id 
_struct_conn.ptnr2_auth_comp_id 
_struct_conn.ptnr2_auth_seq_id 
_struct_conn.ptnr2_symmetry 
_struct_conn.pdbx_ptnr3_label_atom_id 
_struct_conn.pdbx_ptnr3_label_seq_id 
_struct_conn.pdbx_ptnr3_label_comp_id 
_struct_conn.pdbx_ptnr3_label_asym_id 
_struct_conn.pdbx_ptnr3_label_alt_id 
_struct_conn.pdbx_ptnr3_PDB_ins_code 
_struct_conn.details 
_struct_conn.pdbx_dist_value 
_struct_conn.pdbx_value_order 
_struct_conn.pdbx_role 
covale1  covale both ? A GHP 1 C   ? ? ? 1_555 A 3MY 2 N   ? ? A GHP 1 A 3MY 2 1_555 ? ? ? ? ? ? ? 1.379 ? ? 
covale2  covale one  ? A GHP 1 C3  ? ? ? 1_555 A 3FG 3 OD2 ? ? A GHP 1 A 3FG 3 1_555 ? ? ? ? ? ? ? 1.415 ? ? 
covale3  covale both ? A 3MY 2 C   ? ? ? 1_555 A 3FG 3 N   ? ? A 3MY 2 A 3FG 3 1_555 ? ? ? ? ? ? ? 1.358 ? ? 
covale4  covale none ? A 3MY 2 OBD ? ? ? 1_555 A GHP 4 C3  ? ? A 3MY 2 A GHP 4 1_555 ? ? ? ? ? ? ? 1.408 ? ? 
covale5  covale both ? A 3FG 3 C   ? ? ? 1_555 A GHP 4 N   ? ? A 3FG 3 A GHP 4 1_555 ? ? ? ? ? ? ? 1.348 ? ? 
covale6  covale both ? A GHP 4 C   ? ? ? 1_555 A GHP 5 N   ? ? A GHP 4 A GHP 5 1_555 ? ? ? ? ? ? ? 1.353 ? ? 
covale7  covale none ? A GHP 4 C5  ? ? ? 1_555 A OMY 6 OCZ ? ? A GHP 4 A OMY 6 1_555 ? ? ? ? ? ? ? 1.406 ? ? 
covale8  covale both ? A GHP 5 C   ? ? ? 1_555 A OMY 6 N   ? ? A GHP 5 A OMY 6 1_555 ? ? ? ? ? ? ? 1.347 ? ? 
covale9  covale none ? A GHP 5 C5  ? ? ? 1_555 A 3FG 7 CG1 ? ? A GHP 5 A 3FG 7 1_555 ? ? ? ? ? ? ? 1.540 ? ? 
covale10 covale both ? A OMY 6 C   ? ? ? 1_555 A 3FG 7 N   ? ? A OMY 6 A 3FG 7 1_555 ? ? ? ? ? ? ? 1.347 ? ? 
# 
_struct_conn_type.id          covale 
_struct_conn_type.criteria    ? 
_struct_conn_type.reference   ? 
# 
_struct_mon_prot_cis.pdbx_id                1 
_struct_mon_prot_cis.label_comp_id          GHP 
_struct_mon_prot_cis.label_seq_id           5 
_struct_mon_prot_cis.label_asym_id          A 
_struct_mon_prot_cis.label_alt_id           . 
_struct_mon_prot_cis.pdbx_PDB_ins_code      ? 
_struct_mon_prot_cis.auth_comp_id           GHP 
_struct_mon_prot_cis.auth_seq_id            5 
_struct_mon_prot_cis.auth_asym_id           A 
_struct_mon_prot_cis.pdbx_label_comp_id_2   OMY 
_struct_mon_prot_cis.pdbx_label_seq_id_2    6 
_struct_mon_prot_cis.pdbx_label_asym_id_2   A 
_struct_mon_prot_cis.pdbx_PDB_ins_code_2    ? 
_struct_mon_prot_cis.pdbx_auth_comp_id_2    OMY 
_struct_mon_prot_cis.pdbx_auth_seq_id_2     6 
_struct_mon_prot_cis.pdbx_auth_asym_id_2    A 
_struct_mon_prot_cis.pdbx_PDB_model_num     1 
_struct_mon_prot_cis.pdbx_omega_angle       9.36 
# 
loop_
_struct_site.id 
_struct_site.pdbx_evidence_code 
_struct_site.pdbx_auth_asym_id 
_struct_site.pdbx_auth_comp_id 
_struct_site.pdbx_auth_seq_id 
_struct_site.pdbx_auth_ins_code 
_struct_site.pdbx_num_residues 
_struct_site.details 
AC1 Software A DMS 101 ? 5  'binding site for residue DMS A 101'            
AC2 Software A DMS 102 ? 1  'binding site for residue DMS A 102'            
AC4 Software A DMS 104 ? 2  'binding site for residue DMS A 104'            
AC5 Software A DMS 105 ? 2  'binding site for residue DMS A 105'            
AC6 Software ? ?   ?   ? 13 'binding site for residues GHP A 1 and GHP A 4' 
AC7 Software ? ?   ?   ? 13 'binding site for residues GHP A 1 and OMY A 2' 
AC8 Software ? ?   ?   ? 11 'binding site for residues GHP A 1 and 3FG A 7' 
AC9 Software ? ?   ?   ? 16 'binding site for residues OMY A 2 and GHP A 4' 
AD1 Software ? ?   ?   ? 16 'binding site for residues OMY A 2 and 3FG A 7' 
AD2 Software ? ?   ?   ? 12 'binding site for residues 3MY A 3 and 3FG A 6' 
AD3 Software ? ?   ?   ? 14 'binding site for residues 3MY A 3 and GHP A 5' 
AD4 Software ? ?   ?   ? 12 'binding site for residues 3MY A 3 and GHP A 4' 
AD5 Software ? ?   ?   ? 11 'binding site for residues GHP A 4 and 3FG A 6' 
AD6 Software ? ?   ?   ? 13 'binding site for residues GHP A 5 and 3FG A 6' 
# 
loop_
_struct_site_gen.id 
_struct_site_gen.site_id 
_struct_site_gen.pdbx_num_res 
_struct_site_gen.label_comp_id 
_struct_site_gen.label_asym_id 
_struct_site_gen.label_seq_id 
_struct_site_gen.pdbx_auth_ins_code 
_struct_site_gen.auth_comp_id 
_struct_site_gen.auth_asym_id 
_struct_site_gen.auth_seq_id 
_struct_site_gen.label_atom_id 
_struct_site_gen.label_alt_id 
_struct_site_gen.symmetry 
_struct_site_gen.details 
1   AC1 5  HOH G . ? HOH A 205 . ? 3_445 ? 
2   AC1 5  DMS E . ? DMS A 104 . ? 1_555 ? 
3   AC1 5  HOH G . ? HOH A 208 . ? 1_555 ? 
4   AC1 5  HOH G . ? HOH A 201 . ? 1_555 ? 
5   AC1 5  HOH G . ? HOH A 211 . ? 1_555 ? 
6   AC2 1  HOH G . ? HOH A 206 . ? 1_555 ? 
7   AC4 2  DMS B . ? DMS A 101 . ? 1_555 ? 
8   AC4 2  HOH G . ? HOH A 211 . ? 1_555 ? 
9   AC5 2  HOH G . ? HOH A 206 . ? 4_546 ? 
10  AC5 2  HOH G . ? HOH A 213 . ? 1_555 ? 
11  AC6 13 HOH G . ? HOH A 214 . ? 1_555 ? 
12  AC6 13 HOH G . ? HOH A 204 . ? 1_555 ? 
13  AC6 13 HOH G . ? HOH A 202 . ? 1_555 ? 
14  AC6 13 HOH G . ? HOH A 212 . ? 2_657 ? 
15  AC6 13 HOH G . ? HOH A 212 . ? 1_555 ? 
16  AC6 13 DMS C . ? DMS A 102 . ? 1_555 ? 
17  AC6 13 DMS C . ? DMS A 102 . ? 1_545 ? 
18  AC6 13 DMS D . ? DMS A 103 . ? 4_546 ? 
19  AC6 13 DMS D . ? DMS A 103 . ? 1_555 ? 
20  AC6 13 DMS E . ? DMS A 104 . ? 3_545 ? 
21  AC6 13 DMS F . ? DMS A 105 . ? 1_555 ? 
22  AC6 13 HOH G . ? HOH A 206 . ? 4_546 ? 
23  AC6 13 HOH G . ? HOH A 213 . ? 1_555 ? 
24  AC7 13 HOH G . ? HOH A 204 . ? 1_555 ? 
25  AC7 13 HOH G . ? HOH A 202 . ? 2_647 ? 
26  AC7 13 HOH G . ? HOH A 212 . ? 1_545 ? 
27  AC7 13 HOH G . ? HOH A 212 . ? 2_647 ? 
28  AC7 13 HOH G . ? HOH A 210 . ? 1_555 ? 
29  AC7 13 HOH G . ? HOH A 205 . ? 1_555 ? 
30  AC7 13 DMS B . ? DMS A 101 . ? 3_555 ? 
31  AC7 13 DMS C . ? DMS A 102 . ? 1_545 ? 
32  AC7 13 DMS D . ? DMS A 103 . ? 4_546 ? 
33  AC7 13 DMS E . ? DMS A 104 . ? 3_555 ? 
34  AC7 13 DMS E . ? DMS A 104 . ? 3_545 ? 
35  AC7 13 DMS F . ? DMS A 105 . ? 1_555 ? 
36  AC7 13 HOH G . ? HOH A 206 . ? 4_546 ? 
37  AC8 11 HOH G . ? HOH A 214 . ? 1_555 ? 
38  AC8 11 HOH G . ? HOH A 204 . ? 1_555 ? 
39  AC8 11 HOH G . ? HOH A 209 . ? 1_555 ? 
40  AC8 11 HOH G . ? HOH A 205 . ? 1_555 ? 
41  AC8 11 DMS B . ? DMS A 101 . ? 4_556 ? 
42  AC8 11 DMS C . ? DMS A 102 . ? 1_545 ? 
43  AC8 11 DMS D . ? DMS A 103 . ? 4_546 ? 
44  AC8 11 DMS E . ? DMS A 104 . ? 3_545 ? 
45  AC8 11 DMS F . ? DMS A 105 . ? 1_555 ? 
46  AC8 11 HOH G . ? HOH A 206 . ? 4_546 ? 
47  AC8 11 HOH G . ? HOH A 201 . ? 4_556 ? 
48  AC9 16 HOH G . ? HOH A 202 . ? 2_647 ? 
49  AC9 16 HOH G . ? HOH A 202 . ? 1_555 ? 
50  AC9 16 HOH G . ? HOH A 212 . ? 2_647 ? 
51  AC9 16 HOH G . ? HOH A 212 . ? 2_657 ? 
52  AC9 16 HOH G . ? HOH A 212 . ? 1_545 ? 
53  AC9 16 HOH G . ? HOH A 212 . ? 1_555 ? 
54  AC9 16 HOH G . ? HOH A 210 . ? 1_555 ? 
55  AC9 16 HOH G . ? HOH A 205 . ? 1_555 ? 
56  AC9 16 DMS B . ? DMS A 101 . ? 3_555 ? 
57  AC9 16 DMS C . ? DMS A 102 . ? 1_555 ? 
58  AC9 16 DMS C . ? DMS A 102 . ? 1_545 ? 
59  AC9 16 DMS D . ? DMS A 103 . ? 1_555 ? 
60  AC9 16 DMS E . ? DMS A 104 . ? 3_545 ? 
61  AC9 16 DMS E . ? DMS A 104 . ? 3_555 ? 
62  AC9 16 DMS F . ? DMS A 105 . ? 1_555 ? 
63  AC9 16 HOH G . ? HOH A 213 . ? 1_555 ? 
64  AD1 16 HOH G . ? HOH A 203 . ? 1_555 ? 
65  AD1 16 HOH G . ? HOH A 204 . ? 1_555 ? 
66  AD1 16 HOH G . ? HOH A 202 . ? 2_647 ? 
67  AD1 16 HOH G . ? HOH A 212 . ? 2_647 ? 
68  AD1 16 HOH G . ? HOH A 212 . ? 1_545 ? 
69  AD1 16 HOH G . ? HOH A 209 . ? 1_555 ? 
70  AD1 16 HOH G . ? HOH A 210 . ? 1_555 ? 
71  AD1 16 HOH G . ? HOH A 205 . ? 1_555 ? 
72  AD1 16 DMS B . ? DMS A 101 . ? 4_556 ? 
73  AD1 16 DMS B . ? DMS A 101 . ? 3_555 ? 
74  AD1 16 DMS C . ? DMS A 102 . ? 1_545 ? 
75  AD1 16 DMS E . ? DMS A 104 . ? 3_545 ? 
76  AD1 16 DMS E . ? DMS A 104 . ? 3_555 ? 
77  AD1 16 DMS F . ? DMS A 105 . ? 1_555 ? 
78  AD1 16 HOH G . ? HOH A 206 . ? 4_546 ? 
79  AD1 16 HOH G . ? HOH A 201 . ? 4_556 ? 
80  AD2 12 HOH G . ? HOH A 202 . ? 1_555 ? 
81  AD2 12 HOH G . ? HOH A 202 . ? 1_545 ? 
82  AD2 12 HOH G . ? HOH A 207 . ? 4_547 ? 
83  AD2 12 HOH G . ? HOH A 207 . ? 1_555 ? 
84  AD2 12 HOH G . ? HOH A 210 . ? 2_657 ? 
85  AD2 12 DMS B . ? DMS A 101 . ? 4_557 ? 
86  AD2 12 DMS B . ? DMS A 101 . ? 1_555 ? 
87  AD2 12 DMS C . ? DMS A 102 . ? 1_545 ? 
88  AD2 12 DMS D . ? DMS A 103 . ? 1_555 ? 
89  AD2 12 DMS E . ? DMS A 104 . ? 3_545 ? 
90  AD2 12 DMS E . ? DMS A 104 . ? 4_557 ? 
91  AD2 12 HOH G . ? HOH A 211 . ? 3_545 ? 
92  AD3 14 HOH G . ? HOH A 203 . ? 1_555 ? 
93  AD3 14 HOH G . ? HOH A 214 . ? 2_667 ? 
94  AD3 14 HOH G . ? HOH A 215 . ? 1_555 ? 
95  AD3 14 HOH G . ? HOH A 207 . ? 1_555 ? 
96  AD3 14 DMS B . ? DMS A 101 . ? 4_557 ? 
97  AD3 14 DMS B . ? DMS A 101 . ? 1_555 ? 
98  AD3 14 DMS C . ? DMS A 102 . ? 1_545 ? 
99  AD3 14 DMS C . ? DMS A 102 . ? 1_555 ? 
100 AD3 14 DMS D . ? DMS A 103 . ? 1_555 ? 
101 AD3 14 DMS E . ? DMS A 104 . ? 3_545 ? 
102 AD3 14 DMS E . ? DMS A 104 . ? 1_555 ? 
103 AD3 14 DMS E . ? DMS A 104 . ? 4_557 ? 
104 AD3 14 DMS F . ? DMS A 105 . ? 4_546 ? 
105 AD3 14 HOH G . ? HOH A 211 . ? 3_545 ? 
106 AD4 12 HOH G . ? HOH A 202 . ? 1_555 ? 
107 AD4 12 HOH G . ? HOH A 212 . ? 2_657 ? 
108 AD4 12 HOH G . ? HOH A 212 . ? 1_555 ? 
109 AD4 12 HOH G . ? HOH A 207 . ? 1_555 ? 
110 AD4 12 DMS B . ? DMS A 101 . ? 4_557 ? 
111 AD4 12 DMS C . ? DMS A 102 . ? 1_555 ? 
112 AD4 12 DMS C . ? DMS A 102 . ? 1_545 ? 
113 AD4 12 DMS D . ? DMS A 103 . ? 1_555 ? 
114 AD4 12 DMS E . ? DMS A 104 . ? 3_545 ? 
115 AD4 12 DMS E . ? DMS A 104 . ? 4_557 ? 
116 AD4 12 HOH G . ? HOH A 213 . ? 1_555 ? 
117 AD4 12 HOH G . ? HOH A 211 . ? 3_545 ? 
118 AD5 11 HOH G . ? HOH A 202 . ? 1_545 ? 
119 AD5 11 HOH G . ? HOH A 202 . ? 1_555 ? 
120 AD5 11 HOH G . ? HOH A 212 . ? 2_657 ? 
121 AD5 11 HOH G . ? HOH A 212 . ? 1_555 ? 
122 AD5 11 HOH G . ? HOH A 207 . ? 4_547 ? 
123 AD5 11 HOH G . ? HOH A 210 . ? 2_657 ? 
124 AD5 11 DMS B . ? DMS A 101 . ? 1_555 ? 
125 AD5 11 DMS C . ? DMS A 102 . ? 1_555 ? 
126 AD5 11 DMS C . ? DMS A 102 . ? 1_545 ? 
127 AD5 11 DMS D . ? DMS A 103 . ? 1_555 ? 
128 AD5 11 HOH G . ? HOH A 213 . ? 1_555 ? 
129 AD6 13 HOH G . ? HOH A 203 . ? 1_555 ? 
130 AD6 13 HOH G . ? HOH A 214 . ? 2_667 ? 
131 AD6 13 HOH G . ? HOH A 204 . ? 4_556 ? 
132 AD6 13 HOH G . ? HOH A 215 . ? 1_555 ? 
133 AD6 13 HOH G . ? HOH A 207 . ? 4_547 ? 
134 AD6 13 HOH G . ? HOH A 210 . ? 2_657 ? 
135 AD6 13 DMS B . ? DMS A 101 . ? 1_555 ? 
136 AD6 13 DMS C . ? DMS A 102 . ? 1_555 ? 
137 AD6 13 DMS C . ? DMS A 102 . ? 1_545 ? 
138 AD6 13 DMS D . ? DMS A 103 . ? 1_555 ? 
139 AD6 13 DMS E . ? DMS A 104 . ? 4_557 ? 
140 AD6 13 DMS E . ? DMS A 104 . ? 1_555 ? 
141 AD6 13 DMS F . ? DMS A 105 . ? 4_546 ? 
# 
_atom_sites.entry_id                    6TOV 
_atom_sites.Cartn_transf_matrix[1][1]   ? 
_atom_sites.Cartn_transf_matrix[1][2]   ? 
_atom_sites.Cartn_transf_matrix[1][3]   ? 
_atom_sites.Cartn_transf_matrix[2][1]   ? 
_atom_sites.Cartn_transf_matrix[2][2]   ? 
_atom_sites.Cartn_transf_matrix[2][3]   ? 
_atom_sites.Cartn_transf_matrix[3][1]   ? 
_atom_sites.Cartn_transf_matrix[3][2]   ? 
_atom_sites.Cartn_transf_matrix[3][3]   ? 
_atom_sites.Cartn_transf_vector[1]      ? 
_atom_sites.Cartn_transf_vector[2]      ? 
_atom_sites.Cartn_transf_vector[3]      ? 
_atom_sites.fract_transf_matrix[1][1]   0.01468256 
_atom_sites.fract_transf_matrix[1][2]   -0.02832200 
_atom_sites.fract_transf_matrix[1][3]   -0.01025001 
_atom_sites.fract_transf_matrix[2][1]   0.04688469 
_atom_sites.fract_transf_matrix[2][2]   0.04042339 
_atom_sites.fract_transf_matrix[2][3]   -0.04453496 
_atom_sites.fract_transf_matrix[3][1]   0.04346869 
_atom_sites.fract_transf_matrix[3][2]   -0.02247959 
_atom_sites.fract_transf_matrix[3][3]   0.02535794 
_atom_sites.fract_transf_vector[1]      0.350535 
_atom_sites.fract_transf_vector[2]      0.802931 
_atom_sites.fract_transf_vector[3]      0.777638 
_atom_sites.solution_primary            ? 
_atom_sites.solution_secondary          ? 
_atom_sites.solution_hydrogens          ? 
_atom_sites.special_details             ? 
# 
loop_
_atom_type.symbol 
_atom_type.scat_Cromer_Mann_a1 
_atom_type.scat_Cromer_Mann_b1 
_atom_type.scat_Cromer_Mann_a2 
_atom_type.scat_Cromer_Mann_b2 
_atom_type.scat_Cromer_Mann_a3 
_atom_type.scat_Cromer_Mann_b3 
_atom_type.scat_Cromer_Mann_a4 
_atom_type.scat_Cromer_Mann_b4 
_atom_type.scat_Cromer_Mann_c 
C  2.310  20.844 1.020 10.208 1.589 0.569  0.865 51.651 0.216   
CL 11.460 0.010  7.196 1.166  6.255 18.519 1.645 47.778 -9.338  
H  0.493  10.511 0.323 26.126 0.140 3.142  0.041 57.800 0.003   
N  12.222 0.006  3.135 9.893  2.014 28.997 1.167 0.583  -11.538 
O  3.049  13.277 2.287 5.701  1.546 0.324  0.867 32.909 0.251   
S  6.905  1.468  5.203 22.215 1.438 0.254  1.586 56.172 1.056   
# 
loop_
_atom_site.group_PDB 
_atom_site.id 
_atom_site.type_symbol 
_atom_site.label_atom_id 
_atom_site.label_alt_id 
_atom_site.label_comp_id 
_atom_site.label_asym_id 
_atom_site.label_entity_id 
_atom_site.label_seq_id 
_atom_site.pdbx_PDB_ins_code 
_atom_site.Cartn_x 
_atom_site.Cartn_y 
_atom_site.Cartn_z 
_atom_site.occupancy 
_atom_site.B_iso_or_equiv 
_atom_site.pdbx_formal_charge 
_atom_site.auth_seq_id 
_atom_site.auth_comp_id 
_atom_site.auth_asym_id 
_atom_site.auth_atom_id 
_atom_site.pdbx_PDB_model_num 
HETATM 1   N  N   . GHP A 1 1 ? -2.970 7.455  2.818  1.00 3.61  ? 1   GHP A N   1 
HETATM 2   C  CA  . GHP A 1 1 ? -2.224 6.386  2.094  1.00 3.07  ? 1   GHP A CA  1 
HETATM 3   C  C   . GHP A 1 1 ? -1.031 6.034  2.976  1.00 2.88  ? 1   GHP A C   1 
HETATM 4   O  O   . GHP A 1 1 ? -1.164 5.922  4.190  1.00 3.65  ? 1   GHP A O   1 
HETATM 5   C  C1  . GHP A 1 1 ? -3.087 5.163  1.822  1.00 2.97  ? 1   GHP A C1  1 
HETATM 6   C  C2  . GHP A 1 1 ? -3.043 4.045  2.626  1.00 3.10  ? 1   GHP A C2  1 
HETATM 7   C  C3  . GHP A 1 1 ? -3.753 2.915  2.260  1.00 2.90  ? 1   GHP A C3  1 
HETATM 8   C  C4  . GHP A 1 1 ? -4.601 2.919  1.170  1.00 3.16  ? 1   GHP A C4  1 
HETATM 9   O  O4  . GHP A 1 1 ? -5.323 1.817  0.807  1.00 3.94  ? 1   GHP A O4  1 
HETATM 10  C  C5  . GHP A 1 1 ? -4.718 4.083  0.418  1.00 3.58  ? 1   GHP A C5  1 
HETATM 11  C  C6  . GHP A 1 1 ? -3.940 5.190  0.710  1.00 3.58  ? 1   GHP A C6  1 
HETATM 12  O  OBD . 3MY A 1 2 ? 4.826  3.394  -1.615 1.00 4.29  ? 2   3MY A OBD 1 
HETATM 13  C  CZ  . 3MY A 1 2 ? 4.311  4.197  -0.618 1.00 3.62  ? 2   3MY A CZ  1 
HETATM 14  C  CE2 . 3MY A 1 2 ? 4.850  4.180  0.653  1.00 3.58  ? 2   3MY A CE2 1 
HETATM 15  C  CD2 . 3MY A 1 2 ? 4.302  4.948  1.660  1.00 3.56  ? 2   3MY A CD2 1 
HETATM 16  CL CL  . 3MY A 1 2 ? 6.196  3.140  1.007  1.00 5.08  ? 2   3MY A CL  1 
HETATM 17  C  CE1 . 3MY A 1 2 ? 3.262  5.055  -0.895 1.00 3.56  ? 2   3MY A CE1 1 
HETATM 18  C  CD1 . 3MY A 1 2 ? 2.720  5.838  0.100  1.00 3.48  ? 2   3MY A CD1 1 
HETATM 19  C  CG  . 3MY A 1 2 ? 3.208  5.768  1.395  1.00 3.30  ? 2   3MY A CG  1 
HETATM 20  C  CB  . 3MY A 1 2 ? 2.557  6.496  2.539  1.00 3.42  ? 2   3MY A CB  1 
HETATM 21  C  CA  . 3MY A 1 2 ? 1.371  5.738  3.177  1.00 3.24  ? 2   3MY A CA  1 
HETATM 22  C  C   . 3MY A 1 2 ? 1.737  4.310  3.580  1.00 3.13  ? 2   3MY A C   1 
HETATM 23  O  O   . 3MY A 1 2 ? 2.453  4.140  4.563  1.00 4.44  ? 2   3MY A O   1 
HETATM 24  N  N   . 3MY A 1 2 ? 0.185  5.860  2.348  1.00 3.32  ? 2   3MY A N   1 
HETATM 25  N  N   . 3FG A 1 3 ? 1.240  3.278  2.851  1.00 2.89  ? 3   3FG A N   1 
HETATM 26  O  OD1 . 3FG A 1 3 ? -1.551 -0.863 6.278  1.00 6.44  ? 3   3FG A OD1 1 
HETATM 27  C  CD1 . 3FG A 1 3 ? -1.427 0.102  5.315  1.00 5.19  ? 3   3FG A CD1 1 
HETATM 28  C  CG1 . 3FG A 1 3 ? -0.184 0.601  4.903  1.00 4.85  ? 3   3FG A CG1 1 
HETATM 29  C  CZ  . 3FG A 1 3 ? -2.598 0.576  4.712  1.00 4.04  ? 3   3FG A CZ  1 
HETATM 30  C  CD2 . 3FG A 1 3 ? -2.473 1.379  3.604  1.00 2.97  ? 3   3FG A CD2 1 
HETATM 31  O  OD2 . 3FG A 1 3 ? -3.679 1.701  2.983  1.00 3.55  ? 3   3FG A OD2 1 
HETATM 32  C  CG2 . 3FG A 1 3 ? -1.240 1.774  3.114  1.00 2.98  ? 3   3FG A CG2 1 
HETATM 33  C  CB  . 3FG A 1 3 ? -0.090 1.424  3.824  1.00 2.89  ? 3   3FG A CB  1 
HETATM 34  C  CA  . 3FG A 1 3 ? 1.299  1.922  3.429  1.00 2.86  ? 3   3FG A CA  1 
HETATM 35  C  C   . 3FG A 1 3 ? 1.989  0.839  2.556  1.00 3.17  ? 3   3FG A C   1 
HETATM 36  O  O   . 3FG A 1 3 ? 2.799  0.102  3.099  1.00 4.82  ? 3   3FG A O   1 
HETATM 37  N  N   . GHP A 1 4 ? 1.633  0.727  1.260  1.00 2.74  ? 4   GHP A N   1 
HETATM 38  C  CA  . GHP A 1 4 ? 2.192  -0.316 0.418  1.00 2.48  ? 4   GHP A CA  1 
HETATM 39  C  C   . GHP A 1 4 ? 1.076  -1.094 -0.275 1.00 2.40  ? 4   GHP A C   1 
HETATM 40  O  O   . GHP A 1 4 ? 0.146  -0.502 -0.833 1.00 2.93  ? 4   GHP A O   1 
HETATM 41  C  C1  . GHP A 1 4 ? 3.112  0.239  -0.672 1.00 2.51  ? 4   GHP A C1  1 
HETATM 42  C  C2  . GHP A 1 4 ? 3.549  1.553  -0.607 1.00 2.94  ? 4   GHP A C2  1 
HETATM 43  C  C3  . GHP A 1 4 ? 4.371  2.062  -1.606 1.00 2.94  ? 4   GHP A C3  1 
HETATM 44  C  C4  . GHP A 1 4 ? 4.795  1.280  -2.678 1.00 2.89  ? 4   GHP A C4  1 
HETATM 45  O  O4  . GHP A 1 4 ? 5.579  1.746  -3.676 1.00 3.59  ? 4   GHP A O4  1 
HETATM 46  C  C5  . GHP A 1 4 ? 4.330  -0.022 -2.734 1.00 2.79  ? 4   GHP A C5  1 
HETATM 47  C  C6  . GHP A 1 4 ? 3.515  -0.554 -1.729 1.00 2.69  ? 4   GHP A C6  1 
HETATM 48  N  N   . GHP A 1 5 ? 1.234  -2.437 -0.321 1.00 2.58  ? 5   GHP A N   1 
HETATM 49  C  CA  . GHP A 1 5 ? 0.518  -3.216 -1.293 1.00 2.54  ? 5   GHP A CA  1 
HETATM 50  C  C   . GHP A 1 5 ? 1.414  -4.454 -1.602 1.00 2.72  ? 5   GHP A C   1 
HETATM 51  O  O   . GHP A 1 5 ? 2.293  -4.787 -0.796 1.00 3.34  ? 5   GHP A O   1 
HETATM 52  C  C1  . GHP A 1 5 ? -0.862 -3.729 -0.919 1.00 2.69  ? 5   GHP A C1  1 
HETATM 53  C  C2  . GHP A 1 5 ? -1.057 -4.586 0.179  1.00 2.89  ? 5   GHP A C2  1 
HETATM 54  C  C3  . GHP A 1 5 ? -2.306 -5.190 0.346  1.00 2.90  ? 5   GHP A C3  1 
HETATM 55  C  C4  . GHP A 1 5 ? -3.330 -4.969 -0.571 1.00 2.82  ? 5   GHP A C4  1 
HETATM 56  O  O4  . GHP A 1 5 ? -4.525 -5.636 -0.447 1.00 3.51  ? 5   GHP A O4  1 
HETATM 57  C  C5  . GHP A 1 5 ? -3.144 -4.084 -1.615 1.00 2.61  ? 5   GHP A C5  1 
HETATM 58  C  C6  . GHP A 1 5 ? -1.919 -3.440 -1.751 1.00 2.55  ? 5   GHP A C6  1 
HETATM 59  N  N   . OMY A 1 6 ? 1.165  -5.172 -2.713 1.00 3.03  ? 6   OMY A N   1 
HETATM 60  C  CA  . OMY A 1 6 ? 0.247  -4.811 -3.788 1.00 2.86  ? 6   OMY A CA  1 
HETATM 61  O  OCZ . OMY A 1 6 ? 4.742  -0.759 -3.858 1.00 3.26  ? 6   OMY A OCZ 1 
HETATM 62  C  CE2 . OMY A 1 6 ? 4.273  -3.036 -4.258 1.00 3.05  ? 6   OMY A CE2 1 
HETATM 63  C  CE1 . OMY A 1 6 ? 2.565  -1.418 -4.705 1.00 3.23  ? 6   OMY A CE1 1 
HETATM 64  C  CZ  . OMY A 1 6 ? 3.849  -1.739 -4.256 1.00 3.14  ? 6   OMY A CZ  1 
HETATM 65  C  CG  . OMY A 1 6 ? 2.086  -3.762 -4.993 1.00 2.99  ? 6   OMY A CG  1 
HETATM 66  C  CD2 . OMY A 1 6 ? 3.395  -4.069 -4.632 1.00 3.03  ? 6   OMY A CD2 1 
HETATM 67  C  CD1 . OMY A 1 6 ? 1.683  -2.432 -5.044 1.00 3.21  ? 6   OMY A CD1 1 
HETATM 68  C  CB  . OMY A 1 6 ? 1.028  -4.818 -5.131 1.00 3.34  ? 6   OMY A CB  1 
HETATM 69  CL CL  . OMY A 1 6 ? 2.056  0.232  -4.838 1.00 3.77  ? 6   OMY A CL  1 
HETATM 70  O  O   . OMY A 1 6 ? -0.985 -6.842 -3.247 1.00 3.66  ? 6   OMY A O   1 
HETATM 71  C  C   . OMY A 1 6 ? -0.972 -5.738 -3.776 1.00 2.94  ? 6   OMY A C   1 
HETATM 72  O  ODE . OMY A 1 6 ? 1.581  -6.112 -5.319 1.00 3.94  ? 6   OMY A ODE 1 
HETATM 73  N  N   . 3FG A 1 7 ? -2.064 -5.167 -4.320 1.00 3.59  ? 7   3FG A N   1 
HETATM 74  O  OD1 . 3FG A 1 7 ? -4.893 -1.972 -1.323 1.00 3.59  ? 7   3FG A OD1 1 
HETATM 75  C  CD1 . 3FG A 1 7 ? -5.007 -2.650 -2.485 1.00 3.12  ? 7   3FG A CD1 1 
HETATM 76  C  CG1 . 3FG A 1 7 ? -4.235 -3.775 -2.657 1.00 3.59  ? 7   3FG A CG1 1 
HETATM 77  C  CZ  . 3FG A 1 7 ? -5.897 -2.244 -3.489 1.00 3.27  ? 7   3FG A CZ  1 
HETATM 78  C  CD2 . 3FG A 1 7 ? -5.970 -2.983 -4.666 1.00 2.97  ? 7   3FG A CD2 1 
HETATM 79  O  OD2 . 3FG A 1 7 ? -6.858 -2.550 -5.600 1.00 3.27  ? 7   3FG A OD2 1 
HETATM 80  C  CG2 . 3FG A 1 7 ? -5.204 -4.146 -4.840 1.00 2.88  ? 7   3FG A CG2 1 
HETATM 81  C  CB  . 3FG A 1 7 ? -4.324 -4.530 -3.830 1.00 2.97  ? 7   3FG A CB  1 
HETATM 82  C  CA  . 3FG A 1 7 ? -3.404 -5.704 -4.037 1.00 3.22  ? 7   3FG A CA  1 
HETATM 83  C  C   . 3FG A 1 7 ? -3.899 -6.728 -5.058 1.00 3.19  ? 7   3FG A C   1 
HETATM 84  O  O   . 3FG A 1 7 ? -4.899 -7.413 -4.701 1.00 3.80  ? 7   3FG A O   1 
HETATM 85  O  OXT . 3FG A 1 7 ? -3.315 -6.812 -6.172 1.00 3.41  ? 7   3FG A OXT 1 
HETATM 86  S  S   . DMS B 2 . ? -1.733 3.124  6.695  0.60 6.37  ? 101 DMS A S   1 
HETATM 87  O  O   . DMS B 2 . ? -3.265 3.353  6.853  0.60 8.92  ? 101 DMS A O   1 
HETATM 88  C  C1  . DMS B 2 . ? -1.250 2.200  8.052  0.60 9.05  ? 101 DMS A C1  1 
HETATM 89  C  C2  . DMS B 2 . ? -0.981 4.687  7.161  0.60 6.50  ? 101 DMS A C2  1 
HETATM 90  S  S   . DMS C 2 . ? 3.905  5.503  -5.328 1.00 4.22  ? 102 DMS A S   1 
HETATM 91  O  O   . DMS C 2 . ? 2.794  6.351  -5.930 1.00 4.30  ? 102 DMS A O   1 
HETATM 92  C  C1  . DMS C 2 . ? 5.264  5.595  -6.472 1.00 3.85  ? 102 DMS A C1  1 
HETATM 93  C  C2  . DMS C 2 . ? 3.375  3.838  -5.635 1.00 4.49  ? 102 DMS A C2  1 
HETATM 94  S  S   . DMS D 2 . ? -0.365 3.424  -1.044 0.90 3.22  ? 103 DMS A S   1 
HETATM 95  O  O   . DMS D 2 . ? 0.104  2.928  0.309  0.90 3.12  ? 103 DMS A O   1 
HETATM 96  C  C1  . DMS D 2 . ? -1.885 2.547  -1.360 0.90 5.43  ? 103 DMS A C1  1 
HETATM 97  C  C2  . DMS D 2 . ? 0.607  2.562  -2.257 0.90 3.21  ? 103 DMS A C2  1 
HETATM 98  S  S   . DMS E 2 . ? 0.763  7.598  8.166  0.80 3.66  ? 104 DMS A S   1 
HETATM 99  O  O   . DMS E 2 . ? -0.183 8.691  8.476  0.80 3.88  ? 104 DMS A O   1 
HETATM 100 C  C1  . DMS E 2 . ? 2.384  8.079  8.699  0.80 4.55  ? 104 DMS A C1  1 
HETATM 101 C  C2  . DMS E 2 . ? 1.038  7.694  6.417  0.80 5.06  ? 104 DMS A C2  1 
HETATM 102 S  S   . DMS F 2 . ? -2.576 -1.621 -5.642 0.90 7.16  ? 105 DMS A S   1 
HETATM 103 O  O   . DMS F 2 . ? -1.623 -2.488 -5.097 0.90 4.23  ? 105 DMS A O   1 
HETATM 104 C  C1  . DMS F 2 . ? -1.795 -0.910 -7.150 0.90 10.08 ? 105 DMS A C1  1 
HETATM 105 C  C2  . DMS F 2 . ? -2.422 -0.190 -4.628 0.90 10.53 ? 105 DMS A C2  1 
HETATM 106 O  O   . HOH G 3 . ? -4.720 3.964  6.085  0.60 7.54  ? 201 HOH A O   1 
HETATM 107 O  O   A HOH G 3 . ? 6.586  4.115  -3.779 0.85 3.77  ? 202 HOH A O   1 
HETATM 108 O  O   B HOH G 3 . ? 7.534  4.237  -3.416 0.15 27.31 ? 202 HOH A O   1 
HETATM 109 O  O   . HOH G 3 . ? -5.809 0.494  -1.633 1.00 4.14  ? 203 HOH A O   1 
HETATM 110 O  O   . HOH G 3 . ? -6.193 -6.820 -2.407 1.00 3.99  ? 204 HOH A O   1 
HETATM 111 O  O   . HOH G 3 . ? -0.492 -7.314 -6.604 0.60 6.61  ? 205 HOH A O   1 
HETATM 112 O  O   A HOH G 3 . ? 1.358  6.390  -3.606 0.80 7.30  ? 206 HOH A O   1 
HETATM 113 O  O   B HOH G 3 . ? 0.252  6.999  -4.746 0.20 4.52  ? 206 HOH A O   1 
HETATM 114 O  O   . HOH G 3 . ? 3.924  5.828  6.145  0.85 3.88  ? 207 HOH A O   1 
HETATM 115 O  O   . HOH G 3 . ? -4.394 5.818  7.278  0.50 6.67  ? 208 HOH A O   1 
HETATM 116 O  O   A HOH G 3 . ? -2.320 -4.864 -7.829 0.70 8.32  ? 209 HOH A O   1 
HETATM 117 O  O   B HOH G 3 . ? -2.895 -4.374 -7.667 0.30 4.81  ? 209 HOH A O   1 
HETATM 118 O  O   A HOH G 3 . ? 1.059  -8.778 -3.502 0.40 3.84  ? 210 HOH A O   1 
HETATM 119 O  O   B HOH G 3 . ? 0.975  -8.693 -3.019 0.60 5.85  ? 210 HOH A O   1 
HETATM 120 O  O   A HOH G 3 . ? -2.737 7.839  7.544  0.70 6.16  ? 211 HOH A O   1 
HETATM 121 O  O   B HOH G 3 . ? -0.888 7.033  7.653  0.30 4.85  ? 211 HOH A O   1 
HETATM 122 O  O   . HOH G 3 . ? 8.027  0.523  -4.528 0.50 5.00  ? 212 HOH A O   1 
HETATM 123 O  O   . HOH G 3 . ? -1.636 -0.211 -3.284 0.50 7.26  ? 213 HOH A O   1 
HETATM 124 O  O   A HOH G 3 . ? 1.330  -7.071 0.744  0.53 5.63  ? 214 HOH A O   1 
HETATM 125 O  O   B HOH G 3 . ? 1.654  -7.621 -0.275 0.47 8.27  ? 214 HOH A O   1 
HETATM 126 O  O   A HOH G 3 . ? -4.081 6.554  5.365  0.61 5.83  ? 215 HOH A O   1 
HETATM 127 O  O   B HOH G 3 . ? -4.642 7.139  4.858  0.39 5.70  ? 215 HOH A O   1 
HETATM 128 O  O   . HOH G 3 . ? -5.437 -0.107 -6.547 0.70 5.17  ? 216 HOH A O   1 
# 
loop_
_atom_site_anisotrop.id 
_atom_site_anisotrop.type_symbol 
_atom_site_anisotrop.pdbx_label_atom_id 
_atom_site_anisotrop.pdbx_label_alt_id 
_atom_site_anisotrop.pdbx_label_comp_id 
_atom_site_anisotrop.pdbx_label_asym_id 
_atom_site_anisotrop.pdbx_label_seq_id 
_atom_site_anisotrop.pdbx_PDB_ins_code 
_atom_site_anisotrop.U[1][1] 
_atom_site_anisotrop.U[2][2] 
_atom_site_anisotrop.U[3][3] 
_atom_site_anisotrop.U[1][2] 
_atom_site_anisotrop.U[1][3] 
_atom_site_anisotrop.U[2][3] 
_atom_site_anisotrop.pdbx_auth_seq_id 
_atom_site_anisotrop.pdbx_auth_comp_id 
_atom_site_anisotrop.pdbx_auth_asym_id 
_atom_site_anisotrop.pdbx_auth_atom_id 
1   N  N   . GHP A 1 ? 0.0411 0.0357 0.0601 0.0023  -0.0011 -0.0036 1   GHP A N   
2   C  CA  . GHP A 1 ? 0.0410 0.0381 0.0372 0.0004  -0.0036 0.0015  1   GHP A CA  
3   C  C   . GHP A 1 ? 0.0356 0.0339 0.0398 -0.0005 0.0020  -0.0056 1   GHP A C   
4   O  O   . GHP A 1 ? 0.0420 0.0577 0.0388 -0.0008 -0.0033 0.0004  1   GHP A O   
5   C  C1  . GHP A 1 ? 0.0350 0.0361 0.0414 0.0038  -0.0055 -0.0030 1   GHP A C1  
6   C  C2  . GHP A 1 ? 0.0360 0.0406 0.0409 0.0001  -0.0030 0.0014  1   GHP A C2  
7   C  C3  . GHP A 1 ? 0.0304 0.0347 0.0449 0.0035  -0.0028 0.0024  1   GHP A C3  
8   C  C4  . GHP A 1 ? 0.0336 0.0361 0.0503 0.0018  -0.0050 -0.0088 1   GHP A C4  
9   O  O4  . GHP A 1 ? 0.0505 0.0393 0.0598 -0.0052 -0.0082 -0.0112 1   GHP A O4  
10  C  C5  . GHP A 1 ? 0.0425 0.0417 0.0518 0.0073  -0.0063 -0.0054 1   GHP A C5  
11  C  C6  . GHP A 1 ? 0.0471 0.0457 0.0428 0.0017  -0.0140 0.0002  1   GHP A C6  
12  O  OBD . 3MY A 2 ? 0.0660 0.0320 0.0650 -0.0022 0.0267  -0.0019 2   3MY A OBD 
13  C  CZ  . 3MY A 2 ? 0.0506 0.0333 0.0533 -0.0025 0.0140  -0.0015 2   3MY A CZ  
14  C  CE2 . 3MY A 2 ? 0.0432 0.0302 0.0626 0.0031  0.0076  0.0007  2   3MY A CE2 
15  C  CD2 . 3MY A 2 ? 0.0389 0.0399 0.0563 -0.0006 0.0020  -0.0030 2   3MY A CD2 
16  CL CL  . 3MY A 2 ? 0.0440 0.0516 0.0971 0.0115  0.0033  -0.0056 2   3MY A CL  
17  C  CE1 . 3MY A 2 ? 0.0427 0.0428 0.0497 -0.0058 0.0073  0.0047  2   3MY A CE1 
18  C  CD1 . 3MY A 2 ? 0.0406 0.0336 0.0577 0.0032  0.0022  -0.0007 2   3MY A CD1 
19  C  CG  . 3MY A 2 ? 0.0374 0.0355 0.0523 -0.0044 0.0008  -0.0069 2   3MY A CG  
20  C  CB  . 3MY A 2 ? 0.0367 0.0414 0.0515 -0.0051 -0.0004 -0.0076 2   3MY A CB  
21  C  CA  . 3MY A 2 ? 0.0386 0.0429 0.0415 -0.0034 -0.0065 -0.0057 2   3MY A CA  
22  C  C   . 3MY A 2 ? 0.0372 0.0469 0.0348 -0.0037 -0.0049 -0.0055 2   3MY A C   
23  O  O   . 3MY A 2 ? 0.0649 0.0522 0.0514 -0.0020 -0.0253 -0.0025 2   3MY A O   
24  N  N   . 3MY A 2 ? 0.0340 0.0488 0.0431 -0.0017 -0.0020 -0.0067 2   3MY A N   
25  N  N   . 3FG A 3 ? 0.0321 0.0400 0.0374 0.0012  -0.0004 -0.0049 3   3FG A N   
26  O  OD1 . 3FG A 3 ? 0.0642 0.0968 0.0837 -0.0158 -0.0082 0.0445  3   3FG A OD1 
27  C  CD1 . 3FG A 3 ? 0.0536 0.0798 0.0636 -0.0086 -0.0100 0.0316  3   3FG A CD1 
28  C  CG1 . 3FG A 3 ? 0.0445 0.0792 0.0603 -0.0060 -0.0074 0.0280  3   3FG A CG1 
29  C  CZ  . 3FG A 3 ? 0.0379 0.0675 0.0477 -0.0087 -0.0020 0.0178  3   3FG A CZ  
30  C  CD2 . 3FG A 3 ? 0.0380 0.0341 0.0405 0.0006  -0.0028 -0.0006 3   3FG A CD2 
31  O  OD2 . 3FG A 3 ? 0.0411 0.0368 0.0567 -0.0018 -0.0092 0.0077  3   3FG A OD2 
32  C  CG2 . 3FG A 3 ? 0.0374 0.0423 0.0334 -0.0013 -0.0005 0.0035  3   3FG A CG2 
33  C  CB  . 3FG A 3 ? 0.0344 0.0392 0.0360 -0.0004 0.0015  -0.0041 3   3FG A CB  
34  C  CA  . 3FG A 3 ? 0.0310 0.0421 0.0353 0.0049  0.0002  -0.0030 3   3FG A CA  
35  C  C   . 3FG A 3 ? 0.0367 0.0480 0.0354 0.0060  -0.0077 -0.0072 3   3FG A C   
36  O  O   . 3FG A 3 ? 0.0720 0.0782 0.0329 0.0370  -0.0148 -0.0113 3   3FG A O   
37  N  N   . GHP A 4 ? 0.0363 0.0351 0.0325 -0.0018 0.0005  -0.0064 4   GHP A N   
38  C  CA  . GHP A 4 ? 0.0334 0.0305 0.0305 0.0025  -0.0011 -0.0009 4   GHP A CA  
39  C  C   . GHP A 4 ? 0.0286 0.0333 0.0289 0.0033  0.0026  -0.0012 4   GHP A C   
40  O  O   . GHP A 4 ? 0.0397 0.0340 0.0375 0.0053  -0.0068 0.0002  4   GHP A O   
41  C  C1  . GHP A 4 ? 0.0283 0.0337 0.0331 0.0027  -0.0040 0.0030  4   GHP A C1  
42  C  C2  . GHP A 4 ? 0.0388 0.0329 0.0397 0.0053  0.0032  -0.0042 4   GHP A C2  
43  C  C3  . GHP A 4 ? 0.0351 0.0303 0.0463 0.0042  0.0032  -0.0012 4   GHP A C3  
44  C  C4  . GHP A 4 ? 0.0345 0.0397 0.0355 0.0039  0.0013  0.0010  4   GHP A C4  
45  O  O4  . GHP A 4 ? 0.0451 0.0516 0.0396 0.0014  0.0102  0.0039  4   GHP A O4  
46  C  C5  . GHP A 4 ? 0.0349 0.0385 0.0324 0.0027  -0.0030 -0.0019 4   GHP A C5  
47  C  C6  . GHP A 4 ? 0.0337 0.0361 0.0323 0.0028  -0.0034 0.0017  4   GHP A C6  
48  N  N   . GHP A 5 ? 0.0317 0.0356 0.0307 0.0006  -0.0024 -0.0038 5   GHP A N   
49  C  CA  . GHP A 5 ? 0.0304 0.0346 0.0312 -0.0013 -0.0036 -0.0031 5   GHP A CA  
50  C  C   . GHP A 5 ? 0.0343 0.0354 0.0334 0.0007  -0.0024 -0.0019 5   GHP A C   
51  O  O   . GHP A 5 ? 0.0376 0.0427 0.0464 0.0078  -0.0115 -0.0068 5   GHP A O   
52  C  C1  . GHP A 5 ? 0.0294 0.0391 0.0335 -0.0019 -0.0009 -0.0051 5   GHP A C1  
53  C  C2  . GHP A 5 ? 0.0370 0.0404 0.0323 -0.0015 -0.0078 -0.0018 5   GHP A C2  
54  C  C3  . GHP A 5 ? 0.0347 0.0469 0.0282 0.0001  -0.0013 0.0017  5   GHP A C3  
55  C  C4  . GHP A 5 ? 0.0321 0.0419 0.0330 -0.0042 -0.0030 -0.0043 5   GHP A C4  
56  O  O4  . GHP A 5 ? 0.0392 0.0540 0.0400 -0.0109 -0.0008 0.0004  5   GHP A O4  
57  C  C5  . GHP A 5 ? 0.0321 0.0358 0.0311 0.0014  -0.0113 -0.0040 5   GHP A C5  
58  C  C6  . GHP A 5 ? 0.0319 0.0328 0.0320 0.0012  -0.0021 -0.0063 5   GHP A C6  
59  N  N   . OMY A 6 ? 0.0328 0.0428 0.0394 0.0025  -0.0073 -0.0074 6   OMY A N   
60  C  CA  . OMY A 6 ? 0.0353 0.0373 0.0360 0.0004  -0.0066 -0.0032 6   OMY A CA  
61  O  OCZ . OMY A 6 ? 0.0411 0.0475 0.0351 -0.0047 0.0089  -0.0062 6   OMY A OCZ 
62  C  CE2 . OMY A 6 ? 0.0348 0.0470 0.0338 0.0058  0.0013  -0.0027 6   OMY A CE2 
63  C  CE1 . OMY A 6 ? 0.0426 0.0440 0.0361 0.0071  0.0003  -0.0022 6   OMY A CE1 
64  C  CZ  . OMY A 6 ? 0.0388 0.0473 0.0328 -0.0003 0.0021  -0.0061 6   OMY A CZ  
65  C  CG  . OMY A 6 ? 0.0358 0.0457 0.0322 0.0035  0.0034  -0.0064 6   OMY A CG  
66  C  CD2 . OMY A 6 ? 0.0373 0.0439 0.0338 0.0100  0.0006  -0.0035 6   OMY A CD2 
67  C  CD1 . OMY A 6 ? 0.0331 0.0507 0.0379 0.0065  -0.0005 -0.0012 6   OMY A CD1 
68  C  CB  . OMY A 6 ? 0.0439 0.0462 0.0367 0.0013  -0.0033 -0.0118 6   OMY A CB  
69  CL CL  . OMY A 6 ? 0.0484 0.0460 0.0488 0.0083  -0.0031 -0.0015 6   OMY A CL  
70  O  O   . OMY A 6 ? 0.0328 0.0380 0.0682 0.0052  -0.0042 0.0015  6   OMY A O   
71  C  C   . OMY A 6 ? 0.0337 0.0355 0.0425 0.0015  -0.0056 -0.0057 6   OMY A C   
72  O  ODE . OMY A 6 ? 0.0479 0.0529 0.0489 0.0023  0.0017  -0.0096 6   OMY A ODE 
73  N  N   . 3FG A 7 ? 0.0365 0.0567 0.0432 -0.0032 -0.0117 -0.0055 7   3FG A N   
74  O  OD1 . 3FG A 7 ? 0.0472 0.0471 0.0420 0.0126  -0.0182 -0.0173 7   3FG A OD1 
75  C  CD1 . 3FG A 7 ? 0.0461 0.0440 0.0281 -0.0135 -0.0071 -0.0034 7   3FG A CD1 
76  C  CG1 . 3FG A 7 ? 0.0495 0.0360 0.0509 -0.0092 -0.0319 0.0082  7   3FG A CG1 
77  C  CZ  . 3FG A 7 ? 0.0411 0.0287 0.0543 0.0043  -0.0120 -0.0070 7   3FG A CZ  
78  C  CD2 . 3FG A 7 ? 0.0332 0.0347 0.0449 -0.0004 -0.0067 -0.0030 7   3FG A CD2 
79  O  OD2 . 3FG A 7 ? 0.0508 0.0366 0.0368 0.0111  -0.0156 -0.0074 7   3FG A OD2 
80  C  CG2 . 3FG A 7 ? 0.0396 0.0340 0.0356 0.0029  -0.0045 -0.0016 7   3FG A CG2 
81  C  CB  . 3FG A 7 ? 0.0350 0.0381 0.0397 -0.0072 -0.0039 0.0054  7   3FG A CB  
82  C  CA  . 3FG A 7 ? 0.0544 0.0316 0.0363 -0.0041 -0.0139 -0.0004 7   3FG A CA  
83  C  C   . 3FG A 7 ? 0.0424 0.0400 0.0389 0.0029  -0.0137 -0.0058 7   3FG A C   
84  O  O   . 3FG A 7 ? 0.0465 0.0374 0.0602 -0.0027 -0.0158 -0.0167 7   3FG A O   
85  O  OXT . 3FG A 7 ? 0.0480 0.0451 0.0364 -0.0036 -0.0117 -0.0038 7   3FG A OXT 
86  S  S   . DMS B . ? 0.1042 0.0614 0.0764 0.0072  0.0465  -0.0170 101 DMS A S   
87  O  O   . DMS B . ? 0.1100 0.1004 0.1285 0.0057  0.0544  -0.0278 101 DMS A O   
88  C  C1  . DMS B . ? 0.1856 0.0841 0.0741 0.0210  0.0297  0.0051  101 DMS A C1  
89  C  C2  . DMS B . ? 0.1359 0.0651 0.0459 0.0112  -0.0019 -0.0054 101 DMS A C2  
90  S  S   . DMS C . ? 0.0694 0.0487 0.0424 -0.0054 -0.0036 -0.0099 102 DMS A S   
91  O  O   . DMS C . ? 0.0507 0.0461 0.0664 -0.0045 0.0034  -0.0092 102 DMS A O   
92  C  C1  . DMS C . ? 0.0467 0.0495 0.0501 -0.0013 -0.0055 -0.0137 102 DMS A C1  
93  C  C2  . DMS C . ? 0.0757 0.0460 0.0487 0.0014  -0.0008 -0.0047 102 DMS A C2  
94  S  S   . DMS D . ? 0.0504 0.0414 0.0306 0.0183  -0.0034 -0.0017 103 DMS A S   
95  O  O   . DMS D . ? 0.0499 0.0395 0.0292 0.0165  -0.0061 0.0003  103 DMS A O   
96  C  C1  . DMS D . ? 0.0351 0.1231 0.0480 0.0063  0.0009  -0.0129 103 DMS A C1  
97  C  C2  . DMS D . ? 0.0371 0.0490 0.0356 0.0131  -0.0006 -0.0027 103 DMS A C2  
98  S  S   . DMS E . ? 0.0502 0.0448 0.0436 0.0019  0.0000  0.0011  104 DMS A S   
99  O  O   . DMS E . ? 0.0428 0.0473 0.0570 -0.0022 0.0053  0.0072  104 DMS A O   
100 C  C1  . DMS E . ? 0.0517 0.0537 0.0674 0.0052  -0.0133 -0.0049 104 DMS A C1  
101 C  C2  . DMS E . ? 0.0736 0.0791 0.0395 0.0198  -0.0070 -0.0016 104 DMS A C2  
102 S  S   . DMS F . ? 0.0468 0.0633 0.1620 0.0033  -0.0086 0.0443  105 DMS A S   
103 O  O   . DMS F . ? 0.0479 0.0571 0.0554 -0.0096 0.0003  0.0101  105 DMS A O   
104 C  C1  . DMS F . ? 0.1279 0.1462 0.1088 0.0407  -0.0059 0.0516  105 DMS A C1  
105 C  C2  . DMS F . ? 0.0966 0.0959 0.2075 0.0016  0.0031  -0.0201 105 DMS A C2  
106 O  O   . HOH G . ? 0.0953 0.1061 0.0849 -0.0201 0.0226  -0.0025 201 HOH A O   
107 O  O   A HOH G . ? 0.0452 0.0523 0.0455 -0.0019 0.0064  0.0060  202 HOH A O   
108 O  O   B HOH G . ? 0.6573 0.2536 0.1266 0.4012  0.2798  0.1725  202 HOH A O   
109 O  O   . HOH G . ? 0.0447 0.0479 0.0645 0.0016  -0.0152 -0.0098 203 HOH A O   
110 O  O   . HOH G . ? 0.0487 0.0584 0.0445 0.0061  0.0074  0.0011  204 HOH A O   
111 O  O   . HOH G . ? 0.0905 0.0737 0.0868 -0.0141 -0.0114 -0.0012 205 HOH A O   
112 O  O   A HOH G . ? 0.0817 0.1151 0.0803 -0.0046 0.0164  -0.0041 206 HOH A O   
113 O  O   B HOH G . ? 0.0454 0.0632 0.0629 0.0263  0.0291  0.0301  206 HOH A O   
114 O  O   . HOH G . ? 0.0364 0.0624 0.0484 -0.0094 -0.0101 -0.0152 207 HOH A O   
115 O  O   . HOH G . ? 0.0785 0.0839 0.0910 0.0016  0.0054  0.0316  208 HOH A O   
116 O  O   A HOH G . ? 0.1132 0.0873 0.1154 -0.0206 0.0250  0.0118  209 HOH A O   
117 O  O   B HOH G . ? 0.0734 0.0603 0.0489 0.0109  0.0245  -0.0062 209 HOH A O   
118 O  O   A HOH G . ? 0.0518 0.0291 0.0648 0.0005  -0.0164 0.0054  210 HOH A O   
119 O  O   B HOH G . ? 0.0640 0.0775 0.0805 0.0207  -0.0124 0.0006  210 HOH A O   
120 O  O   A HOH G . ? 0.0750 0.0918 0.0672 -0.0260 -0.0320 0.0336  211 HOH A O   
121 O  O   B HOH G . ? 0.0388 0.1239 0.0214 -0.0036 -0.0086 0.0168  211 HOH A O   
122 O  O   . HOH G . ? 0.0635 0.0551 0.0715 -0.0007 0.0177  0.0075  212 HOH A O   
123 O  O   . HOH G . ? 0.0836 0.0954 0.0968 0.0033  -0.0325 -0.0053 213 HOH A O   
124 O  O   A HOH G . ? 0.0816 0.0599 0.0721 -0.0037 -0.0064 0.0254  214 HOH A O   
125 O  O   B HOH G . ? 0.1310 0.0825 0.1005 -0.0058 -0.0262 0.0297  214 HOH A O   
126 O  O   A HOH G . ? 0.0789 0.0665 0.0759 -0.0059 0.0037  0.0066  215 HOH A O   
127 O  O   B HOH G . ? 0.0587 0.1000 0.0578 0.0462  0.0135  0.0378  215 HOH A O   
128 O  O   . HOH G . ? 0.0551 0.0513 0.0897 0.0071  -0.0023 0.0087  216 HOH A O   
# 
loop_
_pdbx_poly_seq_scheme.asym_id 
_pdbx_poly_seq_scheme.entity_id 
_pdbx_poly_seq_scheme.seq_id 
_pdbx_poly_seq_scheme.mon_id 
_pdbx_poly_seq_scheme.ndb_seq_num 
_pdbx_poly_seq_scheme.pdb_seq_num 
_pdbx_poly_seq_scheme.auth_seq_num 
_pdbx_poly_seq_scheme.pdb_mon_id 
_pdbx_poly_seq_scheme.auth_mon_id 
_pdbx_poly_seq_scheme.pdb_strand_id 
_pdbx_poly_seq_scheme.pdb_ins_code 
_pdbx_poly_seq_scheme.hetero 
A 1 1 GHP 1 1 5 GHP GHP A . n 
A 1 2 3MY 2 2 3 3MY 3MY A . n 
A 1 3 3FG 3 3 6 3FG 3FG A . n 
A 1 4 GHP 4 4 4 GHP GHP A . n 
A 1 5 GHP 5 5 1 GHP GHP A . n 
A 1 6 OMY 6 6 2 OMY OMY A . n 
A 1 7 3FG 7 7 7 3FG 3FG A . n 
# 
loop_
_pdbx_nonpoly_scheme.asym_id 
_pdbx_nonpoly_scheme.entity_id 
_pdbx_nonpoly_scheme.mon_id 
_pdbx_nonpoly_scheme.ndb_seq_num 
_pdbx_nonpoly_scheme.pdb_seq_num 
_pdbx_nonpoly_scheme.auth_seq_num 
_pdbx_nonpoly_scheme.pdb_mon_id 
_pdbx_nonpoly_scheme.auth_mon_id 
_pdbx_nonpoly_scheme.pdb_strand_id 
_pdbx_nonpoly_scheme.pdb_ins_code 
B 2 DMS 1  101 1  DMS DMS A . 
C 2 DMS 1  102 2  DMS DMS A . 
D 2 DMS 1  103 3  DMS DMS A . 
E 2 DMS 1  104 4  DMS DMS A . 
F 2 DMS 1  105 5  DMS DMS A . 
G 3 HOH 1  201 24 HOH HOH A . 
G 3 HOH 2  202 5  HOH HOH A . 
G 3 HOH 3  203 1  HOH HOH A . 
G 3 HOH 4  204 3  HOH HOH A . 
G 3 HOH 5  205 21 HOH HOH A . 
G 3 HOH 6  206 8  HOH HOH A . 
G 3 HOH 7  207 17 HOH HOH A . 
G 3 HOH 8  208 16 HOH HOH A . 
G 3 HOH 9  209 12 HOH HOH A . 
G 3 HOH 10 210 18 HOH HOH A . 
G 3 HOH 11 211 25 HOH HOH A . 
G 3 HOH 12 212 10 HOH HOH A . 
G 3 HOH 13 213 23 HOH HOH A . 
G 3 HOH 14 214 2  HOH HOH A . 
G 3 HOH 15 215 11 HOH HOH A . 
G 3 HOH 16 216 7  HOH HOH A . 
# 
_pdbx_molecule_features.prd_id    PRD_000210 
_pdbx_molecule_features.name      'Teicoplanin Aglycone' 
_pdbx_molecule_features.type      Oligopeptide 
_pdbx_molecule_features.class     Antibiotic 
_pdbx_molecule_features.details   
;TEICOPLANIN AGLYCON IS THE NONSUGAR COMPONENT OF
TEICOPLANIN, CONSISTING OF THE TETRACYCLIC
HEPTAPEPTIDE ONLY.
;
# 
_pdbx_molecule.instance_id   1 
_pdbx_molecule.prd_id        PRD_000210 
_pdbx_molecule.asym_id       A 
# 
_pdbx_struct_assembly.id                   1 
_pdbx_struct_assembly.details              author_and_software_defined_assembly 
_pdbx_struct_assembly.method_details       PISA 
_pdbx_struct_assembly.oligomeric_details   monomeric 
_pdbx_struct_assembly.oligomeric_count     1 
# 
_pdbx_struct_assembly_gen.assembly_id       1 
_pdbx_struct_assembly_gen.oper_expression   1 
_pdbx_struct_assembly_gen.asym_id_list      A,B,C,D,E,F,G 
# 
loop_
_pdbx_struct_assembly_prop.biol_id 
_pdbx_struct_assembly_prop.type 
_pdbx_struct_assembly_prop.value 
_pdbx_struct_assembly_prop.details 
1 'ABSA (A^2)' 680  ? 
1 MORE         8    ? 
1 'SSA (A^2)'  1570 ? 
# 
_pdbx_struct_oper_list.id                   1 
_pdbx_struct_oper_list.type                 'identity operation' 
_pdbx_struct_oper_list.name                 1_555 
_pdbx_struct_oper_list.symmetry_operation   x,y,z 
_pdbx_struct_oper_list.matrix[1][1]         1.0000000000 
_pdbx_struct_oper_list.matrix[1][2]         0.0000000000 
_pdbx_struct_oper_list.matrix[1][3]         0.0000000000 
_pdbx_struct_oper_list.vector[1]            0.0000000000 
_pdbx_struct_oper_list.matrix[2][1]         0.0000000000 
_pdbx_struct_oper_list.matrix[2][2]         1.0000000000 
_pdbx_struct_oper_list.matrix[2][3]         0.0000000000 
_pdbx_struct_oper_list.vector[2]            0.0000000000 
_pdbx_struct_oper_list.matrix[3][1]         0.0000000000 
_pdbx_struct_oper_list.matrix[3][2]         0.0000000000 
_pdbx_struct_oper_list.matrix[3][3]         1.0000000000 
_pdbx_struct_oper_list.vector[3]            0.0000000000 
# 
_pdbx_struct_special_symmetry.id              1 
_pdbx_struct_special_symmetry.PDB_model_num   1 
_pdbx_struct_special_symmetry.auth_asym_id    A 
_pdbx_struct_special_symmetry.auth_comp_id    HOH 
_pdbx_struct_special_symmetry.auth_seq_id     212 
_pdbx_struct_special_symmetry.PDB_ins_code    ? 
_pdbx_struct_special_symmetry.label_asym_id   G 
_pdbx_struct_special_symmetry.label_comp_id   HOH 
_pdbx_struct_special_symmetry.label_seq_id    . 
# 
loop_
_pdbx_audit_revision_history.ordinal 
_pdbx_audit_revision_history.data_content_type 
_pdbx_audit_revision_history.major_revision 
_pdbx_audit_revision_history.minor_revision 
_pdbx_audit_revision_history.revision_date 
1 'Structure model' 1 0 2020-01-15 
2 'Structure model' 1 1 2022-01-19 
# 
_pdbx_audit_revision_details.ordinal             1 
_pdbx_audit_revision_details.revision_ordinal    1 
_pdbx_audit_revision_details.data_content_type   'Structure model' 
_pdbx_audit_revision_details.provider            repository 
_pdbx_audit_revision_details.type                'Initial release' 
_pdbx_audit_revision_details.description         ? 
_pdbx_audit_revision_details.details             ? 
# 
loop_
_pdbx_audit_revision_group.ordinal 
_pdbx_audit_revision_group.revision_ordinal 
_pdbx_audit_revision_group.data_content_type 
_pdbx_audit_revision_group.group 
1 2 'Structure model' 'Database references'  
2 2 'Structure model' 'Derived calculations' 
# 
loop_
_pdbx_audit_revision_category.ordinal 
_pdbx_audit_revision_category.revision_ordinal 
_pdbx_audit_revision_category.data_content_type 
_pdbx_audit_revision_category.category 
1 2 'Structure model' citation        
2 2 'Structure model' citation_author 
3 2 'Structure model' database_2      
4 2 'Structure model' struct_conn     
# 
loop_
_pdbx_audit_revision_item.ordinal 
_pdbx_audit_revision_item.revision_ordinal 
_pdbx_audit_revision_item.data_content_type 
_pdbx_audit_revision_item.item 
1  2 'Structure model' '_citation.journal_abbrev'            
2  2 'Structure model' '_citation.journal_id_CSD'            
3  2 'Structure model' '_citation.pdbx_database_id_DOI'      
4  2 'Structure model' '_citation.title'                     
5  2 'Structure model' '_citation.year'                      
6  2 'Structure model' '_database_2.pdbx_DOI'                
7  2 'Structure model' '_database_2.pdbx_database_accession' 
8  2 'Structure model' '_struct_conn.pdbx_dist_value'        
9  2 'Structure model' '_struct_conn.pdbx_leaving_atom_flag' 
10 2 'Structure model' '_struct_conn.ptnr1_label_atom_id'    
11 2 'Structure model' '_struct_conn.ptnr2_auth_comp_id'     
12 2 'Structure model' '_struct_conn.ptnr2_auth_seq_id'      
13 2 'Structure model' '_struct_conn.ptnr2_label_atom_id'    
14 2 'Structure model' '_struct_conn.ptnr2_label_comp_id'    
15 2 'Structure model' '_struct_conn.ptnr2_label_seq_id'     
# 
loop_
_software.citation_id 
_software.classification 
_software.compiler_name 
_software.compiler_version 
_software.contact_author 
_software.contact_author_email 
_software.date 
_software.description 
_software.dependencies 
_software.hardware 
_software.language 
_software.location 
_software.mods 
_software.name 
_software.os 
_software.os_version 
_software.type 
_software.version 
_software.pdbx_ordinal 
? refinement       ? ? ? ? ? ? ? ? ? ? ? REFMAC  ? ? ? 5.8.0253 1 
? 'data reduction' ? ? ? ? ? ? ? ? ? ? ? XDS     ? ? ? .        2 
? 'data scaling'   ? ? ? ? ? ? ? ? ? ? ? Aimless ? ? ? .        3 
? phasing          ? ? ? ? ? ? ? ? ? ? ? Sir2014 ? ? ? .        4 
# 
_pdbx_entry_details.entry_id                 6TOV 
_pdbx_entry_details.compound_details         
;TEICOPLANIN IS A FAMILY OF TETRACYCLIC GLYCOPEPTIDE ANTIBIOTICS.
THE SCAFFOLD IS A HEPTAPEPTIDE FURTHER GLYCOSYLATED BY THREE
MONO SACCHARIDES: MANNOSE, N-ACETYLGLUCOSAMINE AND
BETA-D-GLUCOSAMINE AND ONLY DIFFER BY THE SIDE CHAIN ATTACHED
TO THE LATTER.
HERE, TEICOPLANIN AGLYCON IS REPRESENTED BY THE SEQUENCE (SEQRES)
;
_pdbx_entry_details.source_details           ? 
_pdbx_entry_details.nonpolymer_details       ? 
_pdbx_entry_details.sequence_details         ? 
_pdbx_entry_details.has_ligand_of_interest   ? 
# 
loop_
_pdbx_entity_nonpoly.entity_id 
_pdbx_entity_nonpoly.name 
_pdbx_entity_nonpoly.comp_id 
2 'DIMETHYL SULFOXIDE' DMS 
3 water                HOH 
# 
_pdbx_struct_assembly_auth_evidence.id                     1 
_pdbx_struct_assembly_auth_evidence.assembly_id            1 
_pdbx_struct_assembly_auth_evidence.experimental_support   none 
_pdbx_struct_assembly_auth_evidence.details                PISA 
# 
